data_7OZ3
#
_entry.id   7OZ3
#
_cell.length_a   1.00
_cell.length_b   1.00
_cell.length_c   1.00
_cell.angle_alpha   90.00
_cell.angle_beta   90.00
_cell.angle_gamma   90.00
#
_symmetry.space_group_name_H-M   'P 1'
#
loop_
_entity.id
_entity.type
_entity.pdbx_description
1 polymer 'GntR family transcriptional regulator'
2 polymer pBusA_rev
3 polymer pBusA_for
4 non-polymer "(2R,3R,3aS,5R,7aR,9R,10R,10aS,12R,14aR)-2,9-bis(6-amino-9H-purin-9-yl)octahydro-2H,7H-difuro[3,2-d:3',2'-j][1,3,7,9,2,8 ]tetraoxadiphosphacyclododecine-3,5,10,12-tetrol 5,12-dioxide"
#
loop_
_entity_poly.entity_id
_entity_poly.type
_entity_poly.pdbx_seq_one_letter_code
_entity_poly.pdbx_strand_id
1 'polypeptide(L)'
;GPMVSEQSEIVTSKYQKIAVAVAQRIANGDYEVGEKLKSRTTIASTFNVSPETARKGLNILADLQILTLKHGSGAIILSK
EKAIEFLNQYETSHSVAILKGKIRDNIKAQQQEMEELATLVDDFLLQTRAVSKQYPLAPYEIIVSEDSEHLGKSIGELNV
WHQTGATIVAIEHEGKFIVSPGPFSVIEQGDHIFFVGDEDVYARMKTYFNLRMGL
;
A,B,C,D
2 'polydeoxyribonucleotide'
;(DA)(DT)(DA)(DG)(DG)(DA)(DT)(DC)(DC)(DG)(DT)(DG)(DT)(DC)(DT)(DT)(DA)(DT)(DC)(DT)
(DA)(DT)(DA)(DA)(DA)(DG)(DT)(DG)(DA)(DC)(DG)(DT)(DT)(DG)(DA)(DG)(DT)(DT)(DA)(DT)
(DC)(DG)(DT)(DA)(DA)(DA)(DA)(DG)(DG)(DG)(DT)(DA)(DG)(DT)(DC)(DA)(DC)(DT)(DT)(DT)
(DT)(DT)(DT)(DA)(DC)(DT)(DC)(DA)(DA)(DA)(DA)(DA)(DA)(DA)(DT)(DA)(DA)(DA)(DC)(DT)
(DG)(DC)(DC)(DG)(DA)(DG)(DA)(DC)(DA)(DG)(DA)(DC)(DC)(DA)(DT)(DA)(DA)(DC)(DT)(DA)
(DT)(DA)(DA)(DT)(DA)(DT)(DC)(DA)(DT)(DG)(DT)(DA)(DT)(DG)(DG)(DT)(DC)(DT)(DC)(DT)
(DT)(DT)(DA)(DT)(DG)(DT)(DC)(DA)(DA)(DC)(DA)(DC)(DC)(DT)(DT)(DG)(DC)(DT)(DT)(DA)
(DG)(DA)(DG)(DA)(DA)(DG)(DC)(DT)(DT)(DT)(DA)(DT)
;
F
3 'polydeoxyribonucleotide'
;(DA)(DT)(DA)(DA)(DA)(DG)(DC)(DT)(DT)(DC)(DT)(DC)(DT)(DA)(DA)(DG)(DC)(DA)(DA)(DG)
(DG)(DT)(DG)(DT)(DT)(DG)(DA)(DC)(DA)(DT)(DA)(DA)(DA)(DG)(DA)(DG)(DA)(DC)(DC)(DA)
(DT)(DA)(DC)(DA)(DT)(DG)(DA)(DT)(DA)(DT)(DT)(DA)(DT)(DA)(DG)(DT)(DT)(DA)(DT)(DG)
(DG)(DT)(DC)(DT)(DG)(DT)(DC)(DT)(DC)(DG)(DG)(DC)(DA)(DG)(DT)(DT)(DT)(DA)(DT)(DT)
(DT)(DT)(DT)(DT)(DT)(DG)(DA)(DG)(DT)(DA)(DA)(DA)(DA)(DA)(DA)(DG)(DT)(DG)(DA)(DC)
(DT)(DA)(DC)(DC)(DC)(DT)(DT)(DT)(DT)(DA)(DC)(DG)(DA)(DT)(DA)(DA)(DC)(DT)(DC)(DA)
(DA)(DC)(DG)(DT)(DC)(DA)(DC)(DT)(DT)(DT)(DA)(DT)(DA)(DG)(DA)(DT)(DA)(DA)(DG)(DA)
(DC)(DA)(DC)(DG)(DG)(DA)(DT)(DC)(DC)(DT)(DA)(DT)
;
G
#
# COMPACT_ATOMS: atom_id res chain seq x y z
N ILE A 10 -19.41 -0.71 15.75
CA ILE A 10 -19.98 0.35 14.94
C ILE A 10 -20.78 1.31 15.80
N VAL A 11 -20.31 2.53 15.92
CA VAL A 11 -20.98 3.55 16.73
C VAL A 11 -22.07 4.21 15.90
N THR A 12 -23.29 4.23 16.45
CA THR A 12 -24.44 4.87 15.74
C THR A 12 -25.00 6.02 16.59
N SER A 13 -26.24 6.45 16.30
CA SER A 13 -26.89 7.52 17.11
C SER A 13 -27.95 6.90 18.02
N LYS A 14 -28.32 7.61 19.10
CA LYS A 14 -29.37 7.13 20.03
C LYS A 14 -30.69 6.95 19.28
N TYR A 15 -31.07 7.94 18.46
CA TYR A 15 -32.38 7.88 17.74
C TYR A 15 -32.34 6.76 16.68
N GLN A 16 -31.15 6.40 16.17
CA GLN A 16 -31.05 5.26 15.23
C GLN A 16 -31.33 3.96 15.99
N LYS A 17 -30.73 3.79 17.17
CA LYS A 17 -30.96 2.58 18.01
C LYS A 17 -32.44 2.47 18.38
N ILE A 18 -33.12 3.60 18.53
CA ILE A 18 -34.58 3.62 18.85
C ILE A 18 -35.34 3.18 17.59
N ALA A 19 -35.00 3.77 16.43
CA ALA A 19 -35.72 3.47 15.20
C ALA A 19 -35.65 1.99 14.86
N VAL A 20 -34.45 1.41 14.94
CA VAL A 20 -34.31 -0.01 14.60
C VAL A 20 -35.02 -0.88 15.63
N ALA A 21 -34.99 -0.48 16.90
CA ALA A 21 -35.71 -1.23 17.93
C ALA A 21 -37.21 -1.23 17.66
N VAL A 22 -37.75 -0.07 17.30
CA VAL A 22 -39.18 0.02 17.00
C VAL A 22 -39.50 -0.80 15.75
N ALA A 23 -38.58 -0.80 14.78
CA ALA A 23 -38.79 -1.62 13.58
C ALA A 23 -38.85 -3.11 13.92
N GLN A 24 -37.96 -3.58 14.80
CA GLN A 24 -38.01 -4.97 15.22
C GLN A 24 -39.28 -5.27 16.03
N ARG A 25 -39.71 -4.31 16.86
CA ARG A 25 -40.96 -4.49 17.60
C ARG A 25 -42.14 -4.65 16.66
N ILE A 26 -42.19 -3.82 15.61
CA ILE A 26 -43.24 -3.96 14.61
C ILE A 26 -43.14 -5.30 13.90
N ALA A 27 -41.91 -5.70 13.54
CA ALA A 27 -41.71 -6.98 12.89
C ALA A 27 -42.11 -8.14 13.80
N ASN A 28 -41.85 -8.00 15.10
CA ASN A 28 -42.25 -9.02 16.06
C ASN A 28 -43.77 -9.17 16.14
N GLY A 29 -44.52 -8.15 15.76
CA GLY A 29 -45.98 -8.20 15.83
C GLY A 29 -46.57 -7.83 17.17
N ASP A 30 -45.75 -7.42 18.14
CA ASP A 30 -46.24 -7.04 19.46
C ASP A 30 -47.19 -5.85 19.36
N TYR A 31 -46.80 -4.84 18.59
CA TYR A 31 -47.68 -3.70 18.36
C TYR A 31 -48.68 -4.01 17.26
N GLU A 32 -49.96 -3.85 17.56
CA GLU A 32 -51.01 -4.11 16.59
C GLU A 32 -51.00 -3.05 15.50
N VAL A 33 -51.53 -3.40 14.33
CA VAL A 33 -51.55 -2.50 13.20
C VAL A 33 -52.39 -1.26 13.47
N GLY A 34 -53.37 -1.36 14.35
CA GLY A 34 -54.26 -0.23 14.61
C GLY A 34 -53.94 0.52 15.88
N GLU A 35 -52.92 0.09 16.62
CA GLU A 35 -52.57 0.75 17.87
C GLU A 35 -52.01 2.14 17.61
N LYS A 36 -52.37 3.10 18.49
CA LYS A 36 -51.78 4.45 18.36
C LYS A 36 -50.73 4.66 19.47
N LEU A 37 -49.45 4.71 19.09
CA LEU A 37 -48.35 4.87 20.08
C LEU A 37 -48.05 6.35 20.30
N LYS A 38 -47.38 6.70 21.41
CA LYS A 38 -47.09 8.12 21.74
C LYS A 38 -45.59 8.32 21.92
N SER A 39 -44.96 9.18 21.11
CA SER A 39 -43.51 9.49 21.25
C SER A 39 -43.26 10.22 22.56
N ARG A 40 -44.07 11.20 22.93
CA ARG A 40 -43.73 11.97 24.15
C ARG A 40 -43.73 11.04 25.36
N THR A 41 -44.75 10.19 25.52
CA THR A 41 -44.77 9.37 26.77
C THR A 41 -44.50 7.87 26.66
N THR A 42 -45.12 7.17 25.69
CA THR A 42 -45.00 5.69 25.59
C THR A 42 -43.54 5.43 25.20
N ILE A 43 -43.11 5.83 24.00
CA ILE A 43 -41.74 5.50 23.51
C ILE A 43 -40.67 6.03 24.48
N ALA A 44 -40.75 7.30 24.88
CA ALA A 44 -39.74 7.91 25.74
C ALA A 44 -39.65 7.18 27.08
N SER A 45 -40.80 6.87 27.66
CA SER A 45 -40.77 6.12 28.95
C SER A 45 -40.24 4.71 28.69
N THR A 46 -40.65 4.08 27.59
CA THR A 46 -40.26 2.70 27.34
C THR A 46 -38.74 2.56 27.19
N PHE A 47 -38.12 3.44 26.40
CA PHE A 47 -36.67 3.28 26.12
C PHE A 47 -35.82 4.28 26.90
N ASN A 48 -36.43 4.98 27.87
CA ASN A 48 -35.68 5.96 28.72
C ASN A 48 -34.80 6.85 27.84
N VAL A 49 -35.39 7.53 26.86
CA VAL A 49 -34.63 8.47 25.99
C VAL A 49 -35.33 9.83 26.01
N SER A 50 -34.74 10.86 25.42
CA SER A 50 -35.37 12.20 25.55
C SER A 50 -36.60 12.35 24.65
N PRO A 51 -37.44 13.37 24.90
CA PRO A 51 -38.63 13.59 24.12
C PRO A 51 -38.34 13.69 22.63
N GLU A 52 -37.47 14.61 22.23
CA GLU A 52 -37.26 14.80 20.77
C GLU A 52 -36.55 13.58 20.15
N THR A 53 -35.63 12.95 20.88
CA THR A 53 -34.94 11.76 20.34
C THR A 53 -35.99 10.77 19.84
N ALA A 54 -36.84 10.26 20.73
CA ALA A 54 -37.90 9.31 20.33
C ALA A 54 -38.61 9.80 19.07
N ARG A 55 -38.95 11.09 19.02
CA ARG A 55 -39.68 11.63 17.85
C ARG A 55 -38.82 11.43 16.62
N LYS A 56 -37.54 11.79 16.70
CA LYS A 56 -36.62 11.64 15.54
C LYS A 56 -36.74 10.22 14.98
N GLY A 57 -36.61 9.20 15.83
CA GLY A 57 -36.77 7.81 15.38
C GLY A 57 -38.09 7.59 14.68
N LEU A 58 -39.20 8.06 15.26
CA LEU A 58 -40.53 7.84 14.69
C LEU A 58 -40.66 8.54 13.34
N ASN A 59 -40.00 9.68 13.18
CA ASN A 59 -40.01 10.37 11.90
C ASN A 59 -39.23 9.58 10.85
N ILE A 60 -38.12 8.96 11.25
CA ILE A 60 -37.38 8.10 10.32
C ILE A 60 -38.26 6.94 9.86
N LEU A 61 -39.00 6.34 10.79
CA LEU A 61 -39.94 5.28 10.41
C LEU A 61 -41.01 5.81 9.47
N ALA A 62 -41.57 6.98 9.77
CA ALA A 62 -42.65 7.53 8.94
C ALA A 62 -42.16 7.94 7.56
N ASP A 63 -40.87 8.26 7.42
CA ASP A 63 -40.33 8.56 6.10
C ASP A 63 -40.45 7.35 5.18
N LEU A 64 -40.12 6.17 5.69
CA LEU A 64 -40.25 4.93 4.95
C LEU A 64 -41.68 4.41 4.89
N GLN A 65 -42.65 5.24 5.25
CA GLN A 65 -44.09 4.93 5.29
C GLN A 65 -44.41 3.85 6.33
N ILE A 66 -43.48 3.53 7.22
CA ILE A 66 -43.76 2.55 8.27
C ILE A 66 -44.84 3.08 9.21
N LEU A 67 -44.72 4.36 9.57
CA LEU A 67 -45.68 4.95 10.55
C LEU A 67 -46.34 6.20 9.96
N THR A 68 -47.44 6.66 10.58
CA THR A 68 -48.05 7.94 10.15
C THR A 68 -48.06 8.87 11.38
N LEU A 69 -47.50 10.07 11.25
CA LEU A 69 -47.39 10.97 12.42
C LEU A 69 -48.36 12.14 12.25
N LYS A 70 -49.43 12.18 13.06
CA LYS A 70 -50.43 13.27 12.95
C LYS A 70 -50.14 14.29 14.07
N HIS A 71 -50.05 15.57 13.72
CA HIS A 71 -49.71 16.62 14.72
C HIS A 71 -50.67 16.51 15.92
N GLY A 72 -50.12 16.47 17.14
CA GLY A 72 -50.95 16.40 18.35
C GLY A 72 -51.71 15.10 18.60
N SER A 73 -51.36 14.00 17.91
CA SER A 73 -52.17 12.76 18.06
C SER A 73 -51.39 11.47 18.37
N GLY A 74 -50.28 11.18 17.67
CA GLY A 74 -49.60 9.88 17.80
C GLY A 74 -49.05 9.22 16.54
N ALA A 75 -48.38 8.07 16.69
CA ALA A 75 -47.80 7.34 15.54
C ALA A 75 -48.80 6.20 15.38
N ILE A 76 -49.09 5.79 14.14
CA ILE A 76 -50.01 4.62 13.91
C ILE A 76 -49.29 3.61 13.01
N ILE A 77 -49.33 2.32 13.37
CA ILE A 77 -48.69 1.28 12.58
C ILE A 77 -49.35 1.18 11.21
N LEU A 78 -48.54 0.99 10.18
CA LEU A 78 -49.08 0.96 8.82
C LEU A 78 -48.86 -0.37 8.11
N SER A 79 -47.62 -0.84 8.03
CA SER A 79 -47.26 -1.96 7.17
C SER A 79 -46.30 -2.90 7.89
N LYS A 80 -46.33 -4.18 7.50
CA LYS A 80 -45.41 -5.16 8.07
C LYS A 80 -44.26 -5.48 7.11
N GLU A 81 -44.59 -5.80 5.85
CA GLU A 81 -43.56 -6.16 4.88
C GLU A 81 -42.62 -4.99 4.60
N LYS A 82 -43.13 -3.75 4.65
CA LYS A 82 -42.26 -2.60 4.51
C LYS A 82 -41.25 -2.56 5.65
N ALA A 83 -41.69 -2.85 6.88
CA ALA A 83 -40.76 -2.89 8.00
C ALA A 83 -39.74 -4.00 7.83
N ILE A 84 -40.17 -5.16 7.32
CA ILE A 84 -39.23 -6.27 7.10
C ILE A 84 -38.18 -5.87 6.07
N GLU A 85 -38.61 -5.23 4.97
CA GLU A 85 -37.68 -4.81 3.94
C GLU A 85 -36.71 -3.76 4.47
N PHE A 86 -37.21 -2.83 5.27
CA PHE A 86 -36.34 -1.83 5.90
C PHE A 86 -35.32 -2.48 6.79
N LEU A 87 -35.74 -3.47 7.58
CA LEU A 87 -34.80 -4.19 8.45
C LEU A 87 -33.72 -4.86 7.62
N ASN A 88 -34.11 -5.57 6.55
CA ASN A 88 -33.14 -6.28 5.72
C ASN A 88 -32.14 -5.31 5.11
N GLN A 89 -32.64 -4.18 4.60
CA GLN A 89 -31.73 -3.14 4.11
C GLN A 89 -30.80 -2.67 5.21
N TYR A 90 -31.30 -2.63 6.45
CA TYR A 90 -30.46 -2.21 7.56
C TYR A 90 -29.31 -3.19 7.79
N GLU A 91 -29.59 -4.50 7.77
CA GLU A 91 -28.49 -5.45 7.95
C GLU A 91 -27.50 -5.36 6.78
N THR A 92 -28.01 -5.17 5.57
CA THR A 92 -27.09 -5.03 4.44
C THR A 92 -26.17 -3.82 4.61
N SER A 93 -26.75 -2.67 4.97
CA SER A 93 -25.93 -1.47 5.17
C SER A 93 -24.97 -1.65 6.34
N HIS A 94 -25.40 -2.31 7.41
CA HIS A 94 -24.53 -2.52 8.55
C HIS A 94 -23.36 -3.43 8.19
N SER A 95 -23.61 -4.48 7.40
CA SER A 95 -22.52 -5.34 6.94
C SER A 95 -21.55 -4.56 6.08
N VAL A 96 -22.07 -3.72 5.18
CA VAL A 96 -21.18 -2.92 4.33
C VAL A 96 -20.34 -1.98 5.18
N ALA A 97 -20.95 -1.35 6.20
CA ALA A 97 -20.19 -0.46 7.07
C ALA A 97 -19.14 -1.19 7.89
N ILE A 98 -19.47 -2.39 8.39
CA ILE A 98 -18.48 -3.18 9.13
C ILE A 98 -17.31 -3.53 8.24
N LEU A 99 -17.60 -3.93 7.00
CA LEU A 99 -16.52 -4.23 6.06
C LEU A 99 -15.70 -2.99 5.76
N LYS A 100 -16.35 -1.82 5.65
CA LYS A 100 -15.62 -0.57 5.47
C LYS A 100 -14.67 -0.31 6.64
N GLY A 101 -15.15 -0.48 7.86
CA GLY A 101 -14.31 -0.24 9.02
C GLY A 101 -13.12 -1.19 9.06
N LYS A 102 -13.35 -2.47 8.74
CA LYS A 102 -12.25 -3.43 8.72
C LYS A 102 -11.23 -3.08 7.64
N ILE A 103 -11.72 -2.68 6.46
CA ILE A 103 -10.84 -2.20 5.40
C ILE A 103 -10.02 -1.03 5.90
N ARG A 104 -10.66 -0.08 6.59
CA ARG A 104 -9.95 1.11 7.06
C ARG A 104 -8.86 0.74 8.06
N ASP A 105 -9.14 -0.21 8.95
CA ASP A 105 -8.13 -0.68 9.89
C ASP A 105 -6.94 -1.28 9.14
N ASN A 106 -7.23 -2.13 8.16
CA ASN A 106 -6.15 -2.72 7.36
C ASN A 106 -5.35 -1.63 6.65
N ILE A 107 -6.05 -0.59 6.18
CA ILE A 107 -5.40 0.49 5.44
C ILE A 107 -4.45 1.24 6.34
N LYS A 108 -4.91 1.58 7.56
CA LYS A 108 -4.05 2.30 8.51
C LYS A 108 -2.82 1.47 8.85
N ALA A 109 -3.02 0.18 9.10
CA ALA A 109 -1.88 -0.68 9.41
C ALA A 109 -0.89 -0.71 8.26
N GLN A 110 -1.39 -0.82 7.02
CA GLN A 110 -0.49 -0.85 5.87
C GLN A 110 0.25 0.46 5.69
N GLN A 111 -0.41 1.61 5.92
CA GLN A 111 0.31 2.88 5.84
C GLN A 111 1.44 2.94 6.86
N GLN A 112 1.15 2.54 8.11
CA GLN A 112 2.21 2.54 9.12
C GLN A 112 3.36 1.63 8.70
N GLU A 113 3.04 0.48 8.11
CA GLU A 113 4.10 -0.38 7.59
C GLU A 113 4.85 0.28 6.44
N MET A 114 4.17 1.11 5.65
CA MET A 114 4.87 1.92 4.65
C MET A 114 5.92 2.82 5.28
N GLU A 115 5.55 3.60 6.31
CA GLU A 115 6.58 4.44 6.93
C GLU A 115 7.67 3.59 7.58
N GLU A 116 7.31 2.41 8.09
CA GLU A 116 8.32 1.54 8.68
C GLU A 116 9.35 1.13 7.62
N LEU A 117 8.88 0.74 6.44
CA LEU A 117 9.80 0.39 5.35
C LEU A 117 10.64 1.60 4.93
N ALA A 118 10.03 2.78 4.87
CA ALA A 118 10.77 3.98 4.49
C ALA A 118 11.91 4.26 5.47
N THR A 119 11.62 4.17 6.77
CA THR A 119 12.66 4.38 7.77
C THR A 119 13.74 3.31 7.67
N LEU A 120 13.35 2.07 7.41
CA LEU A 120 14.35 1.01 7.27
C LEU A 120 15.28 1.29 6.09
N VAL A 121 14.72 1.73 4.96
CA VAL A 121 15.54 2.08 3.81
C VAL A 121 16.46 3.26 4.10
N ASP A 122 15.97 4.28 4.80
CA ASP A 122 16.83 5.40 5.16
C ASP A 122 17.98 4.95 6.06
N ASP A 123 17.70 4.07 7.03
CA ASP A 123 18.75 3.57 7.90
C ASP A 123 19.77 2.76 7.10
N PHE A 124 19.32 1.97 6.14
CA PHE A 124 20.26 1.24 5.30
C PHE A 124 21.11 2.20 4.48
N LEU A 125 20.52 3.29 3.99
CA LEU A 125 21.30 4.30 3.28
C LEU A 125 22.37 4.90 4.18
N LEU A 126 22.01 5.16 5.44
CA LEU A 126 22.99 5.68 6.39
C LEU A 126 24.14 4.69 6.59
N GLN A 127 23.80 3.41 6.77
CA GLN A 127 24.84 2.35 6.93
C GLN A 127 25.73 2.31 5.71
N THR A 128 25.12 2.33 4.51
CA THR A 128 25.89 2.23 3.27
C THR A 128 26.81 3.43 3.10
N ARG A 129 26.35 4.62 3.51
CA ARG A 129 27.22 5.79 3.44
C ARG A 129 28.36 5.72 4.46
N ALA A 130 28.11 5.13 5.63
CA ALA A 130 29.14 5.11 6.68
C ALA A 130 30.21 4.05 6.43
N VAL A 131 30.19 3.36 5.28
CA VAL A 131 31.15 2.28 5.04
C VAL A 131 32.55 2.84 4.81
N SER A 132 32.67 4.14 4.50
CA SER A 132 33.93 4.69 4.02
C SER A 132 35.06 4.54 5.03
N LYS A 133 34.72 4.44 6.31
CA LYS A 133 35.72 4.38 7.38
C LYS A 133 35.89 2.99 7.98
N GLN A 134 35.51 1.94 7.27
CA GLN A 134 35.73 0.61 7.82
C GLN A 134 37.14 0.11 7.52
N TYR A 135 37.56 -0.88 8.29
CA TYR A 135 38.83 -1.56 8.08
C TYR A 135 38.83 -2.36 6.78
N PRO A 136 40.00 -2.52 6.16
CA PRO A 136 40.09 -3.32 4.93
C PRO A 136 39.99 -4.81 5.24
N LEU A 137 39.72 -5.57 4.17
CA LEU A 137 39.55 -7.02 4.26
C LEU A 137 38.43 -7.37 5.24
N ALA A 138 37.24 -6.84 5.01
CA ALA A 138 36.08 -7.06 5.86
C ALA A 138 35.40 -8.38 5.53
N PRO A 139 35.22 -9.25 6.52
CA PRO A 139 34.52 -10.51 6.31
C PRO A 139 33.04 -10.27 6.03
N TYR A 140 32.28 -11.24 5.45
CA TYR A 140 30.87 -11.13 4.99
C TYR A 140 30.01 -11.64 6.15
N GLU A 141 28.68 -11.74 6.00
CA GLU A 141 27.89 -12.31 7.12
C GLU A 141 26.58 -12.90 6.61
N ILE A 142 26.36 -14.19 6.86
CA ILE A 142 25.11 -14.85 6.48
C ILE A 142 24.43 -15.38 7.74
N ILE A 143 23.11 -15.13 7.78
CA ILE A 143 22.28 -15.57 8.93
C ILE A 143 21.50 -16.81 8.47
N VAL A 144 21.75 -17.97 9.06
CA VAL A 144 21.11 -19.23 8.55
C VAL A 144 19.72 -19.42 9.16
N SER A 145 18.77 -18.55 8.81
CA SER A 145 17.37 -18.69 9.29
C SER A 145 16.72 -19.97 8.77
N GLU A 146 16.93 -20.32 7.50
CA GLU A 146 16.26 -21.49 6.87
C GLU A 146 16.98 -22.78 7.28
N ASP A 147 16.39 -23.95 6.97
CA ASP A 147 16.96 -25.24 7.40
C ASP A 147 17.77 -25.89 6.28
N SER A 148 19.01 -26.31 6.59
CA SER A 148 19.84 -27.03 5.59
C SER A 148 20.39 -28.29 6.28
N GLU A 149 20.54 -29.39 5.54
CA GLU A 149 21.12 -30.62 6.14
C GLU A 149 22.43 -30.26 6.84
N HIS A 150 23.12 -29.21 6.38
CA HIS A 150 24.40 -28.86 6.95
C HIS A 150 24.30 -28.37 8.40
N LEU A 151 23.09 -28.08 8.88
CA LEU A 151 22.95 -27.58 10.25
C LEU A 151 23.11 -28.71 11.25
N GLY A 152 23.58 -28.36 12.43
CA GLY A 152 23.87 -29.35 13.44
C GLY A 152 25.14 -30.13 13.20
N LYS A 153 25.97 -29.70 12.27
CA LYS A 153 27.26 -30.30 11.98
C LYS A 153 28.38 -29.34 12.34
N SER A 154 29.56 -29.91 12.58
CA SER A 154 30.73 -29.12 12.85
C SER A 154 31.35 -28.63 11.54
N ILE A 155 32.14 -27.56 11.68
CA ILE A 155 32.83 -26.99 10.48
C ILE A 155 33.67 -28.10 9.85
N GLY A 156 34.40 -28.86 10.67
CA GLY A 156 35.25 -29.91 10.13
C GLY A 156 34.49 -31.02 9.44
N GLU A 157 33.36 -31.42 10.00
CA GLU A 157 32.51 -32.42 9.33
C GLU A 157 32.03 -31.89 7.99
N LEU A 158 31.66 -30.62 7.94
CA LEU A 158 31.21 -30.01 6.69
C LEU A 158 32.36 -29.85 5.71
N ASN A 159 33.58 -29.69 6.22
CA ASN A 159 34.74 -29.45 5.37
C ASN A 159 34.57 -28.14 4.58
N VAL A 160 34.17 -27.08 5.30
CA VAL A 160 33.59 -25.89 4.67
C VAL A 160 34.47 -25.32 3.56
N TRP A 161 35.77 -25.09 3.81
CA TRP A 161 36.60 -24.43 2.80
C TRP A 161 36.57 -25.21 1.48
N HIS A 162 36.60 -26.54 1.55
CA HIS A 162 36.56 -27.35 0.34
C HIS A 162 35.19 -27.36 -0.34
N GLN A 163 34.13 -27.07 0.41
CA GLN A 163 32.79 -27.07 -0.18
C GLN A 163 32.47 -25.74 -0.85
N THR A 164 32.94 -24.63 -0.29
CA THR A 164 32.49 -23.30 -0.68
C THR A 164 33.60 -22.30 -0.95
N GLY A 165 34.85 -22.61 -0.60
CA GLY A 165 35.92 -21.65 -0.73
C GLY A 165 35.99 -20.62 0.37
N ALA A 166 35.12 -20.72 1.39
CA ALA A 166 35.07 -19.73 2.45
C ALA A 166 35.95 -20.09 3.62
N THR A 167 36.55 -19.08 4.24
CA THR A 167 37.25 -19.25 5.51
C THR A 167 36.41 -18.55 6.58
N ILE A 168 35.82 -19.35 7.47
CA ILE A 168 34.94 -18.80 8.54
C ILE A 168 35.80 -18.17 9.65
N VAL A 169 35.60 -16.89 9.94
CA VAL A 169 36.36 -16.16 10.95
C VAL A 169 35.65 -16.13 12.29
N ALA A 170 34.33 -16.36 12.28
CA ALA A 170 33.55 -16.38 13.55
C ALA A 170 32.08 -16.74 13.30
N ILE A 171 31.41 -17.31 14.31
CA ILE A 171 29.95 -17.65 14.22
C ILE A 171 29.25 -16.98 15.40
N GLU A 172 28.05 -16.45 15.19
CA GLU A 172 27.33 -15.73 16.29
C GLU A 172 26.17 -16.57 16.82
N HIS A 173 26.26 -17.04 18.08
CA HIS A 173 25.15 -17.80 18.69
C HIS A 173 24.75 -17.10 19.99
N GLU A 174 23.47 -16.73 20.13
CA GLU A 174 23.01 -16.03 21.35
C GLU A 174 23.89 -14.81 21.61
N GLY A 175 24.08 -13.96 20.59
CA GLY A 175 24.84 -12.71 20.80
C GLY A 175 26.24 -12.96 21.29
N LYS A 176 26.78 -14.15 21.03
CA LYS A 176 28.19 -14.45 21.39
C LYS A 176 28.95 -14.81 20.11
N PHE A 177 30.10 -14.18 19.87
CA PHE A 177 30.83 -14.45 18.61
C PHE A 177 31.93 -15.45 18.90
N ILE A 178 31.86 -16.63 18.27
CA ILE A 178 32.92 -17.66 18.46
C ILE A 178 34.04 -17.35 17.46
N VAL A 179 34.87 -16.36 17.76
CA VAL A 179 35.94 -15.96 16.80
C VAL A 179 36.92 -17.12 16.61
N SER A 180 37.48 -17.29 15.41
CA SER A 180 38.45 -18.38 15.11
C SER A 180 37.87 -19.74 15.51
N PRO A 181 36.70 -20.15 14.97
CA PRO A 181 36.05 -21.38 15.42
C PRO A 181 36.85 -22.70 15.45
N GLY A 182 37.52 -23.07 14.37
CA GLY A 182 38.16 -24.38 14.30
C GLY A 182 37.16 -25.47 13.93
N PRO A 183 37.57 -26.75 13.84
CA PRO A 183 36.68 -27.83 13.38
C PRO A 183 35.52 -28.27 14.29
N PHE A 184 35.77 -28.40 15.59
CA PHE A 184 34.73 -28.93 16.51
C PHE A 184 33.54 -27.99 16.56
N SER A 185 33.75 -26.69 16.42
CA SER A 185 32.62 -25.72 16.39
C SER A 185 31.48 -26.19 15.49
N VAL A 186 30.21 -26.01 15.91
CA VAL A 186 29.04 -26.52 15.13
C VAL A 186 28.14 -25.37 14.69
N ILE A 187 27.77 -25.31 13.41
CA ILE A 187 26.84 -24.27 12.87
C ILE A 187 25.42 -24.65 13.30
N GLU A 188 24.63 -23.67 13.77
CA GLU A 188 23.26 -23.97 14.28
C GLU A 188 22.27 -23.06 13.58
N GLN A 189 20.98 -23.42 13.53
CA GLN A 189 19.99 -22.61 12.77
C GLN A 189 19.86 -21.22 13.41
N GLY A 190 19.75 -20.17 12.57
CA GLY A 190 19.57 -18.78 13.07
C GLY A 190 20.88 -18.10 13.43
N ASP A 191 22.01 -18.77 13.22
CA ASP A 191 23.28 -18.14 13.66
C ASP A 191 23.80 -17.25 12.54
N HIS A 192 24.74 -16.36 12.85
CA HIS A 192 25.35 -15.50 11.81
C HIS A 192 26.77 -16.03 11.54
N ILE A 193 27.05 -16.40 10.29
CA ILE A 193 28.38 -16.99 9.97
C ILE A 193 29.23 -15.92 9.30
N PHE A 194 30.42 -15.63 9.84
CA PHE A 194 31.27 -14.55 9.30
C PHE A 194 32.41 -15.21 8.54
N PHE A 195 32.64 -14.81 7.29
CA PHE A 195 33.64 -15.52 6.51
C PHE A 195 34.28 -14.59 5.49
N VAL A 196 35.53 -14.89 5.12
CA VAL A 196 36.23 -14.15 4.08
C VAL A 196 36.20 -14.94 2.78
N GLY A 197 36.33 -14.22 1.69
CA GLY A 197 36.23 -14.75 0.35
C GLY A 197 36.01 -13.62 -0.63
N ASP A 198 35.49 -13.97 -1.82
CA ASP A 198 35.16 -12.95 -2.84
C ASP A 198 33.69 -13.14 -3.24
N GLU A 199 33.26 -12.52 -4.33
CA GLU A 199 31.84 -12.60 -4.76
C GLU A 199 31.47 -14.06 -5.03
N ASP A 200 32.37 -14.83 -5.67
CA ASP A 200 32.07 -16.24 -6.00
C ASP A 200 31.92 -16.99 -4.69
N VAL A 201 32.82 -16.75 -3.75
CA VAL A 201 32.77 -17.51 -2.46
C VAL A 201 31.45 -17.20 -1.75
N TYR A 202 31.05 -15.93 -1.75
CA TYR A 202 29.80 -15.56 -1.02
C TYR A 202 28.63 -16.29 -1.68
N ALA A 203 28.59 -16.29 -3.01
CA ALA A 203 27.45 -16.93 -3.71
C ALA A 203 27.44 -18.42 -3.40
N ARG A 204 28.63 -19.04 -3.38
CA ARG A 204 28.71 -20.50 -3.12
C ARG A 204 28.19 -20.79 -1.71
N MET A 205 28.59 -19.97 -0.74
CA MET A 205 28.15 -20.20 0.66
C MET A 205 26.64 -20.07 0.70
N LYS A 206 26.11 -19.08 -0.01
CA LYS A 206 24.65 -18.85 0.02
C LYS A 206 23.95 -20.10 -0.54
N THR A 207 24.44 -20.62 -1.67
CA THR A 207 23.76 -21.78 -2.28
C THR A 207 23.85 -22.96 -1.30
N TYR A 208 25.00 -23.14 -0.68
CA TYR A 208 25.24 -24.27 0.24
C TYR A 208 24.27 -24.20 1.43
N PHE A 209 24.01 -23.01 1.97
CA PHE A 209 23.17 -23.01 3.21
C PHE A 209 21.66 -22.92 2.94
N ASN A 210 21.22 -23.16 1.70
CA ASN A 210 19.81 -23.14 1.33
C ASN A 210 19.19 -21.75 1.47
N LEU A 211 19.97 -20.70 1.27
CA LEU A 211 19.40 -19.37 1.61
C LEU A 211 19.40 -18.38 0.45
N ILE B 10 17.78 12.68 -4.92
CA ILE B 10 17.95 12.96 -6.33
C ILE B 10 18.66 14.30 -6.52
N VAL B 11 18.70 15.09 -5.46
CA VAL B 11 19.35 16.40 -5.53
C VAL B 11 20.53 16.43 -4.56
N THR B 12 21.49 17.32 -4.86
CA THR B 12 22.68 17.47 -4.06
C THR B 12 22.91 18.96 -3.80
N SER B 13 23.98 19.27 -3.07
CA SER B 13 24.36 20.63 -2.75
C SER B 13 25.43 21.11 -3.73
N LYS B 14 25.67 22.42 -3.73
CA LYS B 14 26.70 22.97 -4.62
C LYS B 14 28.08 22.45 -4.26
N TYR B 15 28.39 22.35 -2.96
CA TYR B 15 29.71 21.89 -2.57
C TYR B 15 29.91 20.40 -2.87
N GLN B 16 28.84 19.61 -2.78
CA GLN B 16 28.93 18.21 -3.15
C GLN B 16 29.24 18.07 -4.65
N LYS B 17 28.56 18.87 -5.47
CA LYS B 17 28.84 18.87 -6.91
C LYS B 17 30.27 19.33 -7.18
N ILE B 18 30.72 20.33 -6.45
CA ILE B 18 32.10 20.80 -6.61
C ILE B 18 33.07 19.68 -6.29
N ALA B 19 32.84 18.98 -5.18
CA ALA B 19 33.74 17.92 -4.76
C ALA B 19 33.78 16.79 -5.78
N VAL B 20 32.61 16.36 -6.27
CA VAL B 20 32.59 15.25 -7.20
C VAL B 20 33.21 15.65 -8.54
N ALA B 21 32.95 16.87 -8.99
CA ALA B 21 33.54 17.33 -10.25
C ALA B 21 35.06 17.42 -10.15
N VAL B 22 35.55 17.96 -9.02
CA VAL B 22 36.99 18.05 -8.82
C VAL B 22 37.61 16.67 -8.74
N ALA B 23 36.93 15.73 -8.09
CA ALA B 23 37.44 14.37 -7.99
C ALA B 23 37.50 13.70 -9.36
N GLN B 24 36.46 13.89 -10.19
CA GLN B 24 36.48 13.33 -11.54
C GLN B 24 37.60 13.95 -12.37
N ARG B 25 37.78 15.26 -12.24
CA ARG B 25 38.84 15.93 -12.99
C ARG B 25 40.22 15.47 -12.52
N ILE B 26 40.35 15.17 -11.23
CA ILE B 26 41.58 14.59 -10.70
C ILE B 26 41.82 13.22 -11.31
N ALA B 27 40.77 12.40 -11.35
CA ALA B 27 40.85 11.09 -11.98
C ALA B 27 41.18 11.17 -13.46
N ASN B 28 40.83 12.28 -14.13
CA ASN B 28 41.27 12.53 -15.49
C ASN B 28 42.78 12.69 -15.59
N GLY B 29 43.43 13.17 -14.53
CA GLY B 29 44.87 13.27 -14.48
C GLY B 29 45.46 14.58 -14.95
N ASP B 30 44.64 15.58 -15.27
CA ASP B 30 45.17 16.87 -15.71
C ASP B 30 45.95 17.55 -14.58
N TYR B 31 45.44 17.48 -13.35
CA TYR B 31 46.21 17.95 -12.21
C TYR B 31 47.31 16.96 -11.86
N GLU B 32 48.48 17.49 -11.50
CA GLU B 32 49.60 16.63 -11.11
C GLU B 32 49.35 16.01 -9.74
N VAL B 33 50.14 14.99 -9.42
CA VAL B 33 50.06 14.30 -8.15
C VAL B 33 50.71 15.19 -7.08
N GLY B 34 51.40 16.23 -7.53
CA GLY B 34 52.04 17.16 -6.61
C GLY B 34 51.79 18.61 -6.95
N GLU B 35 50.62 18.91 -7.50
CA GLU B 35 50.30 20.25 -7.95
C GLU B 35 49.63 21.05 -6.83
N LYS B 36 49.87 22.38 -6.84
CA LYS B 36 49.25 23.26 -5.82
C LYS B 36 48.18 24.13 -6.50
N LEU B 37 47.10 24.45 -5.79
CA LEU B 37 45.98 25.22 -6.42
C LEU B 37 45.41 26.24 -5.42
N LYS B 38 44.89 27.36 -5.92
CA LYS B 38 44.23 28.37 -5.03
C LYS B 38 42.72 28.10 -5.02
N SER B 39 41.96 28.93 -4.31
CA SER B 39 40.49 28.69 -4.19
C SER B 39 39.68 29.95 -4.51
N ARG B 40 39.84 31.02 -3.73
CA ARG B 40 39.00 32.24 -3.91
C ARG B 40 39.12 32.77 -5.36
N THR B 41 40.32 32.72 -5.94
CA THR B 41 40.52 33.31 -7.30
C THR B 41 40.67 32.22 -8.36
N THR B 42 40.35 30.97 -8.04
CA THR B 42 40.55 29.86 -9.02
C THR B 42 39.46 28.81 -9.20
N ILE B 43 39.15 28.03 -8.15
CA ILE B 43 38.16 26.97 -8.23
C ILE B 43 36.82 27.69 -8.08
N ALA B 44 36.80 28.75 -7.28
CA ALA B 44 35.57 29.51 -7.09
C ALA B 44 35.11 30.16 -8.40
N SER B 45 36.06 30.74 -9.14
CA SER B 45 35.70 31.42 -10.38
C SER B 45 35.34 30.44 -11.48
N THR B 46 36.03 29.30 -11.53
CA THR B 46 35.76 28.33 -12.59
C THR B 46 34.33 27.79 -12.51
N PHE B 47 33.86 27.49 -11.30
CA PHE B 47 32.52 26.95 -11.12
C PHE B 47 31.48 28.02 -10.81
N ASN B 48 31.88 29.29 -10.76
CA ASN B 48 30.97 30.41 -10.48
C ASN B 48 30.22 30.19 -9.17
N VAL B 49 31.01 29.90 -8.12
CA VAL B 49 30.48 29.60 -6.80
C VAL B 49 31.27 30.40 -5.77
N SER B 50 30.64 30.69 -4.64
CA SER B 50 31.25 31.50 -3.61
C SER B 50 32.48 30.81 -3.02
N PRO B 51 33.43 31.59 -2.50
CA PRO B 51 34.65 31.00 -1.93
C PRO B 51 34.38 30.00 -0.82
N GLU B 52 33.39 30.26 0.01
CA GLU B 52 33.23 29.34 1.18
C GLU B 52 32.60 28.02 0.75
N THR B 53 31.73 28.02 -0.25
CA THR B 53 31.21 26.73 -0.72
C THR B 53 32.32 25.90 -1.38
N ALA B 54 33.21 26.56 -2.13
CA ALA B 54 34.37 25.85 -2.66
C ALA B 54 35.27 25.35 -1.55
N ARG B 55 35.39 26.13 -0.48
CA ARG B 55 36.19 25.64 0.67
C ARG B 55 35.50 24.39 1.22
N LYS B 56 34.17 24.43 1.37
CA LYS B 56 33.45 23.27 1.89
C LYS B 56 33.69 22.03 1.03
N GLY B 57 33.64 22.21 -0.29
CA GLY B 57 33.90 21.11 -1.21
C GLY B 57 35.30 20.56 -1.09
N LEU B 58 36.29 21.46 -1.00
CA LEU B 58 37.66 21.01 -0.81
C LEU B 58 37.86 20.37 0.55
N ASN B 59 37.15 20.82 1.59
CA ASN B 59 37.27 20.21 2.90
C ASN B 59 36.69 18.80 2.90
N ILE B 60 35.55 18.61 2.24
CA ILE B 60 34.97 17.26 2.17
C ILE B 60 35.84 16.35 1.29
N LEU B 61 36.49 16.92 0.26
CA LEU B 61 37.38 16.11 -0.54
C LEU B 61 38.63 15.71 0.24
N ALA B 62 39.18 16.63 1.03
CA ALA B 62 40.38 16.35 1.80
C ALA B 62 40.09 15.53 3.05
N ASP B 63 38.83 15.46 3.48
CA ASP B 63 38.50 14.73 4.70
C ASP B 63 38.82 13.25 4.56
N LEU B 64 38.58 12.68 3.38
CA LEU B 64 38.90 11.29 3.11
C LEU B 64 40.37 11.10 2.75
N GLN B 65 41.22 12.07 3.09
CA GLN B 65 42.68 11.98 2.92
C GLN B 65 43.07 11.96 1.44
N ILE B 66 42.33 12.66 0.60
CA ILE B 66 42.78 12.91 -0.76
C ILE B 66 43.66 14.15 -0.82
N LEU B 67 43.17 15.29 -0.33
CA LEU B 67 43.96 16.54 -0.53
C LEU B 67 44.44 17.08 0.81
N THR B 68 45.35 18.04 0.79
CA THR B 68 45.73 18.69 2.07
C THR B 68 45.57 20.19 1.91
N LEU B 69 44.65 20.80 2.67
CA LEU B 69 44.48 22.27 2.64
C LEU B 69 45.41 22.83 3.71
N LYS B 70 46.15 23.89 3.42
CA LYS B 70 46.99 24.49 4.49
C LYS B 70 46.58 25.94 4.70
N HIS B 71 46.53 26.40 5.95
CA HIS B 71 46.11 27.78 6.26
C HIS B 71 46.90 28.75 5.38
N GLY B 72 46.20 29.54 4.56
CA GLY B 72 46.89 30.55 3.71
C GLY B 72 48.05 29.96 2.92
N SER B 73 47.92 28.71 2.47
CA SER B 73 48.98 28.11 1.61
C SER B 73 48.36 27.50 0.37
N GLY B 74 47.16 26.93 0.49
CA GLY B 74 46.52 26.26 -0.65
C GLY B 74 46.44 24.75 -0.46
N ALA B 75 46.21 24.00 -1.53
CA ALA B 75 46.04 22.53 -1.38
C ALA B 75 47.10 21.77 -2.19
N ILE B 76 47.48 20.58 -1.73
CA ILE B 76 48.46 19.75 -2.43
C ILE B 76 47.83 18.40 -2.72
N ILE B 77 48.15 17.82 -3.88
CA ILE B 77 47.56 16.55 -4.25
C ILE B 77 48.30 15.42 -3.54
N LEU B 78 47.55 14.39 -3.11
CA LEU B 78 48.19 13.33 -2.35
C LEU B 78 48.08 11.94 -2.99
N SER B 79 46.87 11.50 -3.30
CA SER B 79 46.62 10.10 -3.64
C SER B 79 45.73 9.98 -4.86
N LYS B 80 45.97 8.93 -5.66
CA LYS B 80 45.11 8.64 -6.80
C LYS B 80 44.12 7.53 -6.47
N GLU B 81 44.62 6.45 -5.85
CA GLU B 81 43.76 5.29 -5.52
C GLU B 81 42.67 5.69 -4.53
N LYS B 82 42.98 6.58 -3.58
CA LYS B 82 41.96 7.07 -2.67
C LYS B 82 40.87 7.82 -3.42
N ALA B 83 41.27 8.61 -4.43
CA ALA B 83 40.28 9.30 -5.25
C ALA B 83 39.40 8.30 -6.01
N ILE B 84 40.01 7.24 -6.55
CA ILE B 84 39.24 6.23 -7.26
C ILE B 84 38.25 5.55 -6.32
N GLU B 85 38.70 5.24 -5.10
CA GLU B 85 37.82 4.62 -4.11
C GLU B 85 36.68 5.57 -3.74
N PHE B 86 36.97 6.87 -3.63
CA PHE B 86 35.94 7.85 -3.35
C PHE B 86 34.91 7.91 -4.47
N LEU B 87 35.38 7.85 -5.72
CA LEU B 87 34.45 7.82 -6.85
C LEU B 87 33.55 6.59 -6.79
N ASN B 88 34.13 5.43 -6.47
CA ASN B 88 33.33 4.21 -6.38
C ASN B 88 32.29 4.33 -5.27
N GLN B 89 32.69 4.86 -4.12
CA GLN B 89 31.77 5.04 -3.01
C GLN B 89 30.65 6.01 -3.38
N TYR B 90 30.98 7.08 -4.10
CA TYR B 90 29.95 8.02 -4.53
C TYR B 90 28.99 7.36 -5.52
N GLU B 91 29.49 6.51 -6.41
CA GLU B 91 28.60 5.80 -7.32
C GLU B 91 27.63 4.91 -6.55
N THR B 92 28.15 4.17 -5.56
CA THR B 92 27.26 3.33 -4.76
C THR B 92 26.23 4.17 -3.99
N SER B 93 26.67 5.28 -3.42
CA SER B 93 25.75 6.13 -2.66
C SER B 93 24.69 6.74 -3.58
N HIS B 94 25.09 7.12 -4.80
CA HIS B 94 24.13 7.66 -5.75
C HIS B 94 23.10 6.62 -6.17
N SER B 95 23.55 5.38 -6.39
CA SER B 95 22.61 4.31 -6.70
C SER B 95 21.62 4.10 -5.55
N VAL B 96 22.12 4.09 -4.32
CA VAL B 96 21.24 3.91 -3.17
C VAL B 96 20.26 5.06 -3.07
N ALA B 97 20.73 6.29 -3.33
CA ALA B 97 19.87 7.47 -3.21
C ALA B 97 18.77 7.46 -4.28
N ILE B 98 19.11 7.11 -5.52
CA ILE B 98 18.10 7.09 -6.57
C ILE B 98 17.10 5.97 -6.31
N LEU B 99 17.57 4.84 -5.79
CA LEU B 99 16.64 3.78 -5.39
C LEU B 99 15.71 4.26 -4.28
N LYS B 100 16.26 5.00 -3.32
CA LYS B 100 15.44 5.57 -2.24
C LYS B 100 14.37 6.49 -2.80
N GLY B 101 14.73 7.35 -3.74
CA GLY B 101 13.79 8.25 -4.36
C GLY B 101 12.68 7.51 -5.09
N LYS B 102 13.07 6.46 -5.82
CA LYS B 102 12.08 5.64 -6.53
C LYS B 102 11.12 4.97 -5.55
N ILE B 103 11.66 4.45 -4.44
CA ILE B 103 10.82 3.81 -3.43
C ILE B 103 9.83 4.83 -2.85
N ARG B 104 10.32 6.03 -2.55
CA ARG B 104 9.45 7.05 -1.97
C ARG B 104 8.34 7.43 -2.94
N ASP B 105 8.67 7.58 -4.21
CA ASP B 105 7.67 7.90 -5.22
C ASP B 105 6.63 6.80 -5.31
N ASN B 106 7.09 5.54 -5.29
CA ASN B 106 6.17 4.41 -5.38
C ASN B 106 5.24 4.38 -4.18
N ILE B 107 5.76 4.63 -2.98
CA ILE B 107 4.92 4.61 -1.78
C ILE B 107 3.91 5.75 -1.81
N LYS B 108 4.31 6.92 -2.30
CA LYS B 108 3.36 8.03 -2.40
C LYS B 108 2.24 7.70 -3.38
N ALA B 109 2.59 7.09 -4.52
CA ALA B 109 1.57 6.68 -5.48
C ALA B 109 0.64 5.63 -4.87
N GLN B 110 1.20 4.68 -4.13
CA GLN B 110 0.39 3.67 -3.46
C GLN B 110 -0.56 4.32 -2.46
N GLN B 111 -0.09 5.30 -1.69
CA GLN B 111 -0.93 5.95 -0.70
C GLN B 111 -2.06 6.73 -1.36
N GLN B 112 -1.77 7.42 -2.46
CA GLN B 112 -2.83 8.13 -3.18
C GLN B 112 -3.87 7.17 -3.72
N GLU B 113 -3.42 6.08 -4.35
CA GLU B 113 -4.38 5.08 -4.83
C GLU B 113 -5.15 4.45 -3.67
N MET B 114 -4.52 4.35 -2.50
CA MET B 114 -5.14 3.71 -1.35
C MET B 114 -6.28 4.58 -0.82
N GLU B 115 -6.04 5.89 -0.73
CA GLU B 115 -7.11 6.81 -0.36
C GLU B 115 -8.22 6.80 -1.42
N GLU B 116 -7.85 6.70 -2.70
CA GLU B 116 -8.86 6.57 -3.74
C GLU B 116 -9.75 5.35 -3.50
N LEU B 117 -9.14 4.21 -3.17
CA LEU B 117 -9.91 3.01 -2.86
C LEU B 117 -10.80 3.23 -1.64
N ALA B 118 -10.28 3.91 -0.62
CA ALA B 118 -11.07 4.16 0.58
C ALA B 118 -12.33 4.97 0.26
N THR B 119 -12.17 6.04 -0.52
CA THR B 119 -13.33 6.83 -0.92
C THR B 119 -14.29 6.03 -1.78
N LEU B 120 -13.75 5.21 -2.69
CA LEU B 120 -14.60 4.45 -3.59
C LEU B 120 -15.46 3.44 -2.82
N VAL B 121 -14.84 2.73 -1.86
CA VAL B 121 -15.62 1.80 -1.05
C VAL B 121 -16.56 2.53 -0.11
N ASP B 122 -16.20 3.75 0.33
CA ASP B 122 -17.14 4.56 1.10
C ASP B 122 -18.40 4.88 0.31
N ASP B 123 -18.26 5.23 -0.98
CA ASP B 123 -19.43 5.63 -1.76
C ASP B 123 -20.43 4.48 -1.92
N PHE B 124 -19.99 3.24 -1.71
CA PHE B 124 -20.94 2.13 -1.71
C PHE B 124 -21.96 2.26 -0.59
N LEU B 125 -21.58 2.89 0.53
CA LEU B 125 -22.57 3.18 1.56
C LEU B 125 -23.69 4.06 1.01
N LEU B 126 -23.32 5.08 0.22
CA LEU B 126 -24.32 5.94 -0.41
C LEU B 126 -25.21 5.15 -1.34
N GLN B 127 -24.62 4.28 -2.17
CA GLN B 127 -25.46 3.55 -3.15
C GLN B 127 -26.38 2.58 -2.41
N THR B 128 -25.87 1.91 -1.36
CA THR B 128 -26.71 0.98 -0.61
C THR B 128 -27.84 1.71 0.12
N ARG B 129 -27.55 2.87 0.69
CA ARG B 129 -28.60 3.62 1.38
C ARG B 129 -29.63 4.15 0.39
N ALA B 130 -29.22 4.43 -0.85
CA ALA B 130 -30.16 4.87 -1.87
C ALA B 130 -31.06 3.74 -2.37
N VAL B 131 -30.76 2.48 -2.01
CA VAL B 131 -31.56 1.35 -2.48
C VAL B 131 -32.96 1.39 -1.89
N SER B 132 -33.12 1.98 -0.70
CA SER B 132 -34.41 1.95 -0.01
C SER B 132 -35.52 2.62 -0.82
N LYS B 133 -35.17 3.59 -1.66
CA LYS B 133 -36.16 4.37 -2.38
C LYS B 133 -36.11 4.20 -3.89
N GLN B 134 -35.32 3.25 -4.38
CA GLN B 134 -35.29 3.00 -5.82
C GLN B 134 -36.48 2.15 -6.24
N TYR B 135 -36.96 2.38 -7.47
CA TYR B 135 -38.20 1.79 -7.92
C TYR B 135 -38.08 0.26 -8.01
N PRO B 136 -39.17 -0.45 -7.74
CA PRO B 136 -39.11 -1.92 -7.71
C PRO B 136 -38.88 -2.51 -9.10
N LEU B 137 -38.57 -3.81 -9.10
CA LEU B 137 -38.26 -4.55 -10.33
C LEU B 137 -37.10 -3.93 -11.09
N ALA B 138 -36.08 -3.49 -10.35
CA ALA B 138 -34.92 -2.89 -10.98
C ALA B 138 -34.12 -3.94 -11.73
N PRO B 139 -33.73 -3.69 -12.98
CA PRO B 139 -32.88 -4.64 -13.70
C PRO B 139 -31.45 -4.58 -13.19
N TYR B 140 -30.67 -5.57 -13.60
CA TYR B 140 -29.27 -5.68 -13.24
C TYR B 140 -28.42 -4.90 -14.25
N GLU B 141 -27.11 -4.92 -14.05
CA GLU B 141 -26.21 -4.17 -14.92
C GLU B 141 -24.94 -4.99 -15.11
N ILE B 142 -24.59 -5.28 -16.36
CA ILE B 142 -23.40 -6.05 -16.69
C ILE B 142 -22.54 -5.26 -17.67
N ILE B 143 -21.25 -5.13 -17.34
CA ILE B 143 -20.31 -4.42 -18.25
C ILE B 143 -19.48 -5.50 -18.97
N VAL B 144 -19.73 -5.74 -20.26
CA VAL B 144 -19.02 -6.87 -20.95
C VAL B 144 -17.64 -6.40 -21.43
N SER B 145 -16.69 -6.21 -20.51
CA SER B 145 -15.35 -5.71 -20.88
C SER B 145 -14.47 -6.83 -21.48
N GLU B 146 -14.64 -8.06 -21.01
CA GLU B 146 -13.82 -9.21 -21.52
C GLU B 146 -14.40 -9.73 -22.83
N ASP B 147 -13.67 -10.61 -23.53
CA ASP B 147 -14.11 -11.10 -24.86
C ASP B 147 -14.82 -12.45 -24.75
N SER B 148 -16.01 -12.57 -25.35
CA SER B 148 -16.73 -13.86 -25.39
C SER B 148 -17.14 -14.12 -26.83
N GLU B 149 -17.16 -15.38 -27.27
CA GLU B 149 -17.61 -15.70 -28.65
C GLU B 149 -18.98 -15.05 -28.88
N HIS B 150 -19.76 -14.85 -27.82
CA HIS B 150 -21.09 -14.28 -27.99
C HIS B 150 -21.08 -12.84 -28.46
N LEU B 151 -19.93 -12.16 -28.45
CA LEU B 151 -19.88 -10.77 -28.87
C LEU B 151 -19.94 -10.66 -30.37
N GLY B 152 -20.49 -9.56 -30.85
CA GLY B 152 -20.68 -9.38 -32.28
C GLY B 152 -21.85 -10.15 -32.84
N LYS B 153 -22.70 -10.71 -31.99
CA LYS B 153 -23.91 -11.41 -32.39
C LYS B 153 -25.14 -10.64 -31.92
N SER B 154 -26.25 -10.91 -32.61
CA SER B 154 -27.52 -10.32 -32.22
C SER B 154 -28.15 -11.12 -31.08
N ILE B 155 -29.06 -10.45 -30.38
CA ILE B 155 -29.77 -11.11 -29.25
C ILE B 155 -30.46 -12.36 -29.81
N GLY B 156 -31.12 -12.23 -30.96
CA GLY B 156 -31.85 -13.35 -31.52
C GLY B 156 -30.95 -14.50 -31.92
N GLU B 157 -29.78 -14.21 -32.51
CA GLU B 157 -28.82 -15.26 -32.83
C GLU B 157 -28.37 -15.97 -31.57
N LEU B 158 -28.14 -15.21 -30.49
CA LEU B 158 -27.72 -15.80 -29.23
C LEU B 158 -28.85 -16.58 -28.59
N ASN B 159 -30.10 -16.19 -28.86
CA ASN B 159 -31.27 -16.82 -28.24
C ASN B 159 -31.21 -16.65 -26.72
N VAL B 160 -30.96 -15.41 -26.27
CA VAL B 160 -30.49 -15.15 -24.90
C VAL B 160 -31.40 -15.76 -23.84
N TRP B 161 -32.73 -15.53 -23.91
CA TRP B 161 -33.58 -16.02 -22.84
C TRP B 161 -33.44 -17.53 -22.65
N HIS B 162 -33.32 -18.28 -23.74
CA HIS B 162 -33.15 -19.73 -23.65
C HIS B 162 -31.79 -20.14 -23.15
N GLN B 163 -30.78 -19.28 -23.30
CA GLN B 163 -29.44 -19.63 -22.85
C GLN B 163 -29.24 -19.34 -21.36
N THR B 164 -29.85 -18.26 -20.86
CA THR B 164 -29.54 -17.73 -19.53
C THR B 164 -30.75 -17.45 -18.66
N GLY B 165 -31.96 -17.48 -19.20
CA GLY B 165 -33.13 -17.09 -18.45
C GLY B 165 -33.34 -15.60 -18.31
N ALA B 166 -32.49 -14.78 -18.92
CA ALA B 166 -32.58 -13.34 -18.78
C ALA B 166 -33.45 -12.70 -19.85
N THR B 167 -34.17 -11.66 -19.46
CA THR B 167 -34.88 -10.81 -20.43
C THR B 167 -34.16 -9.47 -20.46
N ILE B 168 -33.51 -9.18 -21.59
CA ILE B 168 -32.73 -7.92 -21.74
C ILE B 168 -33.67 -6.74 -21.97
N VAL B 169 -33.62 -5.73 -21.12
CA VAL B 169 -34.49 -4.56 -21.21
C VAL B 169 -33.83 -3.40 -21.95
N ALA B 170 -32.49 -3.43 -22.03
CA ALA B 170 -31.74 -2.37 -22.75
C ALA B 170 -30.24 -2.65 -22.79
N ILE B 171 -29.55 -2.14 -23.81
CA ILE B 171 -28.06 -2.28 -23.91
C ILE B 171 -27.46 -0.88 -24.05
N GLU B 172 -26.31 -0.61 -23.42
CA GLU B 172 -25.73 0.76 -23.47
C GLU B 172 -24.49 0.77 -24.37
N HIS B 173 -24.56 1.48 -25.50
CA HIS B 173 -23.39 1.62 -26.40
C HIS B 173 -23.10 3.10 -26.60
N GLU B 174 -21.87 3.55 -26.30
CA GLU B 174 -21.52 4.98 -26.46
C GLU B 174 -22.54 5.84 -25.71
N GLY B 175 -22.80 5.52 -24.44
CA GLY B 175 -23.70 6.37 -23.63
C GLY B 175 -25.08 6.48 -24.23
N LYS B 176 -25.48 5.51 -25.05
CA LYS B 176 -26.85 5.51 -25.61
C LYS B 176 -27.53 4.20 -25.16
N PHE B 177 -28.74 4.28 -24.61
CA PHE B 177 -29.40 3.06 -24.10
C PHE B 177 -30.39 2.58 -25.16
N ILE B 178 -30.16 1.39 -25.70
CA ILE B 178 -31.11 0.82 -26.70
C ILE B 178 -32.23 0.11 -25.94
N VAL B 179 -33.18 0.87 -25.39
CA VAL B 179 -34.26 0.26 -24.57
C VAL B 179 -35.11 -0.68 -25.45
N SER B 180 -35.60 -1.79 -24.88
CA SER B 180 -36.44 -2.76 -25.65
C SER B 180 -35.72 -3.21 -26.92
N PRO B 181 -34.50 -3.78 -26.84
CA PRO B 181 -33.72 -4.11 -28.03
C PRO B 181 -34.37 -4.94 -29.15
N GLY B 182 -34.98 -6.08 -28.83
CA GLY B 182 -35.46 -6.99 -29.89
C GLY B 182 -34.34 -7.85 -30.44
N PRO B 183 -34.60 -8.73 -31.44
CA PRO B 183 -33.58 -9.66 -31.95
C PRO B 183 -32.41 -9.10 -32.76
N PHE B 184 -32.68 -8.17 -33.67
CA PHE B 184 -31.61 -7.66 -34.58
C PHE B 184 -30.54 -6.96 -33.78
N SER B 185 -30.88 -6.30 -32.68
CA SER B 185 -29.87 -5.63 -31.81
C SER B 185 -28.66 -6.54 -31.56
N VAL B 186 -27.43 -5.98 -31.58
CA VAL B 186 -26.19 -6.80 -31.42
C VAL B 186 -25.41 -6.37 -30.18
N ILE B 187 -25.01 -7.33 -29.33
CA ILE B 187 -24.19 -7.05 -28.12
C ILE B 187 -22.75 -6.80 -28.57
N GLU B 188 -22.08 -5.78 -28.03
CA GLU B 188 -20.70 -5.44 -28.48
C GLU B 188 -19.79 -5.35 -27.24
N GLN B 189 -18.48 -5.49 -27.43
CA GLN B 189 -17.57 -5.52 -26.25
C GLN B 189 -17.61 -4.18 -25.52
N GLY B 190 -17.59 -4.20 -24.18
CA GLY B 190 -17.58 -2.96 -23.37
C GLY B 190 -18.96 -2.38 -23.15
N ASP B 191 -20.01 -3.04 -23.62
CA ASP B 191 -21.35 -2.42 -23.48
C ASP B 191 -21.94 -2.83 -22.14
N HIS B 192 -22.99 -2.14 -21.69
CA HIS B 192 -23.65 -2.49 -20.42
C HIS B 192 -24.98 -3.15 -20.77
N ILE B 193 -25.21 -4.40 -20.33
CA ILE B 193 -26.45 -5.13 -20.70
C ILE B 193 -27.40 -5.09 -19.50
N PHE B 194 -28.61 -4.59 -19.69
CA PHE B 194 -29.57 -4.45 -18.57
C PHE B 194 -30.62 -5.55 -18.71
N PHE B 195 -30.84 -6.33 -17.65
CA PHE B 195 -31.75 -7.46 -17.82
C PHE B 195 -32.45 -7.77 -16.50
N VAL B 196 -33.65 -8.34 -16.61
CA VAL B 196 -34.40 -8.80 -15.45
C VAL B 196 -34.25 -10.30 -15.29
N GLY B 197 -34.43 -10.75 -14.05
CA GLY B 197 -34.24 -12.13 -13.66
C GLY B 197 -34.10 -12.19 -12.15
N ASP B 198 -33.53 -13.31 -11.68
CA ASP B 198 -33.28 -13.49 -10.22
C ASP B 198 -31.79 -13.77 -10.03
N GLU B 199 -31.40 -14.23 -8.83
CA GLU B 199 -29.97 -14.50 -8.53
C GLU B 199 -29.42 -15.56 -9.49
N ASP B 200 -30.22 -16.60 -9.79
CA ASP B 200 -29.75 -17.69 -10.68
C ASP B 200 -29.55 -17.09 -12.07
N VAL B 201 -30.50 -16.27 -12.51
CA VAL B 201 -30.41 -15.71 -13.89
C VAL B 201 -29.15 -14.84 -13.98
N TYR B 202 -28.89 -14.03 -12.95
CA TYR B 202 -27.71 -13.12 -13.00
C TYR B 202 -26.45 -13.97 -13.10
N ALA B 203 -26.37 -15.03 -12.29
CA ALA B 203 -25.16 -15.87 -12.29
C ALA B 203 -24.99 -16.53 -13.67
N ARG B 204 -26.09 -16.99 -14.26
CA ARG B 204 -26.03 -17.66 -15.57
C ARG B 204 -25.52 -16.67 -16.61
N MET B 205 -26.03 -15.44 -16.58
CA MET B 205 -25.61 -14.43 -17.58
C MET B 205 -24.12 -14.18 -17.40
N LYS B 206 -23.69 -14.10 -16.14
CA LYS B 206 -22.26 -13.81 -15.87
C LYS B 206 -21.42 -14.95 -16.47
N THR B 207 -21.81 -16.20 -16.23
CA THR B 207 -20.99 -17.32 -16.74
C THR B 207 -20.97 -17.26 -18.27
N TYR B 208 -22.12 -16.97 -18.87
CA TYR B 208 -22.25 -16.95 -20.34
C TYR B 208 -21.32 -15.88 -20.93
N PHE B 209 -21.21 -14.70 -20.30
CA PHE B 209 -20.42 -13.64 -20.98
C PHE B 209 -18.92 -13.67 -20.66
N ASN B 210 -18.43 -14.75 -20.05
CA ASN B 210 -17.01 -14.93 -19.72
C ASN B 210 -16.56 -13.92 -18.66
N LEU B 211 -17.44 -13.51 -17.76
CA LEU B 211 -17.04 -12.40 -16.87
C LEU B 211 -17.12 -12.73 -15.38
N ARG B 212 -16.18 -13.50 -14.84
CA ARG B 212 -16.18 -13.73 -13.37
C ARG B 212 -16.06 -12.38 -12.66
N THR C 12 -18.41 11.49 -3.00
CA THR C 12 -19.58 12.41 -3.16
C THR C 12 -19.53 13.50 -2.09
N SER C 13 -19.76 14.76 -2.49
CA SER C 13 -19.68 15.89 -1.54
C SER C 13 -20.71 15.71 -0.42
N LYS C 14 -20.39 16.18 0.79
CA LYS C 14 -21.38 16.11 1.89
C LYS C 14 -22.59 16.94 1.47
N TYR C 15 -22.37 18.03 0.75
CA TYR C 15 -23.48 18.86 0.22
C TYR C 15 -23.98 18.27 -1.10
N GLN C 16 -23.94 16.93 -1.23
CA GLN C 16 -24.47 16.24 -2.44
C GLN C 16 -25.36 15.09 -1.97
N LYS C 17 -24.90 14.29 -1.00
CA LYS C 17 -25.74 13.24 -0.44
C LYS C 17 -27.16 13.73 -0.20
N ILE C 18 -27.30 14.89 0.43
CA ILE C 18 -28.63 15.41 0.74
C ILE C 18 -29.38 15.72 -0.55
N ALA C 19 -28.71 16.33 -1.51
CA ALA C 19 -29.35 16.67 -2.78
C ALA C 19 -29.85 15.43 -3.50
N VAL C 20 -29.00 14.39 -3.58
CA VAL C 20 -29.40 13.19 -4.31
C VAL C 20 -30.51 12.46 -3.57
N ALA C 21 -30.46 12.44 -2.23
CA ALA C 21 -31.52 11.77 -1.47
C ALA C 21 -32.85 12.49 -1.65
N VAL C 22 -32.85 13.82 -1.58
CA VAL C 22 -34.09 14.58 -1.77
C VAL C 22 -34.61 14.38 -3.17
N ALA C 23 -33.73 14.39 -4.17
CA ALA C 23 -34.16 14.20 -5.54
C ALA C 23 -34.74 12.80 -5.75
N GLN C 24 -34.14 11.78 -5.14
CA GLN C 24 -34.68 10.43 -5.23
C GLN C 24 -36.06 10.37 -4.60
N ARG C 25 -36.24 11.01 -3.44
CA ARG C 25 -37.54 11.00 -2.80
C ARG C 25 -38.58 11.73 -3.64
N ILE C 26 -38.18 12.83 -4.29
CA ILE C 26 -39.11 13.55 -5.18
C ILE C 26 -39.50 12.66 -6.36
N ALA C 27 -38.52 12.00 -6.97
CA ALA C 27 -38.80 11.15 -8.12
C ALA C 27 -39.68 9.96 -7.74
N ASN C 28 -39.51 9.44 -6.51
CA ASN C 28 -40.34 8.33 -6.07
C ASN C 28 -41.81 8.73 -5.95
N GLY C 29 -42.08 10.03 -5.81
CA GLY C 29 -43.43 10.52 -5.68
C GLY C 29 -43.88 10.82 -4.27
N ASP C 30 -42.97 10.77 -3.29
CA ASP C 30 -43.35 11.05 -1.91
C ASP C 30 -43.82 12.50 -1.74
N TYR C 31 -43.14 13.44 -2.41
CA TYR C 31 -43.49 14.85 -2.32
C TYR C 31 -44.10 15.30 -3.64
N GLU C 32 -45.34 15.76 -3.60
CA GLU C 32 -46.01 16.25 -4.78
C GLU C 32 -45.54 17.68 -5.10
N VAL C 33 -45.90 18.14 -6.30
CA VAL C 33 -45.47 19.47 -6.75
C VAL C 33 -46.05 20.55 -5.83
N GLY C 34 -47.34 20.45 -5.52
CA GLY C 34 -47.96 21.45 -4.67
C GLY C 34 -47.58 21.32 -3.22
N GLU C 35 -47.01 20.18 -2.83
CA GLU C 35 -46.65 19.96 -1.43
C GLU C 35 -45.48 20.83 -1.03
N LYS C 36 -45.43 21.17 0.26
CA LYS C 36 -44.34 21.93 0.85
C LYS C 36 -43.43 21.00 1.63
N LEU C 37 -42.12 21.24 1.50
CA LEU C 37 -41.13 20.39 2.15
C LEU C 37 -41.15 20.59 3.66
N LYS C 38 -40.51 19.66 4.38
CA LYS C 38 -40.43 19.73 5.83
C LYS C 38 -39.35 20.72 6.23
N SER C 39 -39.10 20.84 7.53
CA SER C 39 -38.08 21.75 8.04
C SER C 39 -36.69 21.19 7.75
N ARG C 40 -35.68 22.05 7.92
CA ARG C 40 -34.30 21.63 7.72
C ARG C 40 -33.91 20.53 8.71
N THR C 41 -34.31 20.69 9.97
CA THR C 41 -33.93 19.71 10.98
C THR C 41 -34.59 18.36 10.72
N THR C 42 -35.78 18.36 10.13
CA THR C 42 -36.40 17.09 9.75
C THR C 42 -35.55 16.35 8.74
N ILE C 43 -35.11 17.04 7.68
CA ILE C 43 -34.27 16.42 6.67
C ILE C 43 -32.95 15.96 7.29
N ALA C 44 -32.37 16.79 8.16
CA ALA C 44 -31.10 16.44 8.78
C ALA C 44 -31.23 15.19 9.64
N SER C 45 -32.30 15.09 10.42
CA SER C 45 -32.51 13.91 11.25
C SER C 45 -32.78 12.67 10.40
N THR C 46 -33.56 12.81 9.33
CA THR C 46 -33.86 11.66 8.49
C THR C 46 -32.68 11.18 7.66
N PHE C 47 -31.74 12.06 7.31
CA PHE C 47 -30.58 11.69 6.51
C PHE C 47 -29.29 11.66 7.32
N ASN C 48 -29.40 11.77 8.66
CA ASN C 48 -28.23 11.68 9.59
C ASN C 48 -27.15 12.72 9.27
N VAL C 49 -27.52 14.00 9.16
CA VAL C 49 -26.60 15.09 8.91
C VAL C 49 -26.96 16.26 9.82
N SER C 50 -26.18 17.34 9.70
CA SER C 50 -26.45 18.56 10.42
C SER C 50 -27.40 19.46 9.62
N PRO C 51 -28.11 20.36 10.29
CA PRO C 51 -29.00 21.27 9.55
C PRO C 51 -28.28 22.14 8.54
N GLU C 52 -27.04 22.54 8.86
CA GLU C 52 -26.22 23.38 7.95
C GLU C 52 -26.00 22.65 6.63
N THR C 53 -25.56 21.38 6.70
CA THR C 53 -25.29 20.59 5.51
C THR C 53 -26.56 20.36 4.70
N ALA C 54 -27.68 20.10 5.39
CA ALA C 54 -28.95 19.95 4.69
C ALA C 54 -29.34 21.23 3.97
N ARG C 55 -29.14 22.38 4.61
CA ARG C 55 -29.43 23.65 3.97
C ARG C 55 -28.56 23.85 2.73
N LYS C 56 -27.28 23.53 2.84
CA LYS C 56 -26.38 23.66 1.68
C LYS C 56 -26.83 22.76 0.54
N GLY C 57 -27.20 21.52 0.86
CA GLY C 57 -27.69 20.62 -0.17
C GLY C 57 -28.97 21.11 -0.83
N LEU C 58 -29.87 21.68 -0.03
CA LEU C 58 -31.10 22.22 -0.59
C LEU C 58 -30.81 23.40 -1.51
N ASN C 59 -29.85 24.24 -1.12
CA ASN C 59 -29.45 25.38 -1.97
C ASN C 59 -28.87 24.84 -3.28
N ILE C 60 -28.03 23.80 -3.21
CA ILE C 60 -27.44 23.21 -4.41
C ILE C 60 -28.53 22.68 -5.33
N LEU C 61 -29.51 21.98 -4.75
CA LEU C 61 -30.60 21.44 -5.56
C LEU C 61 -31.44 22.56 -6.18
N ALA C 62 -31.64 23.65 -5.43
CA ALA C 62 -32.40 24.78 -5.96
C ALA C 62 -31.63 25.47 -7.09
N ASP C 63 -30.30 25.45 -7.03
CA ASP C 63 -29.51 25.98 -8.12
C ASP C 63 -29.75 25.22 -9.41
N LEU C 64 -30.13 23.95 -9.29
CA LEU C 64 -30.56 23.16 -10.44
C LEU C 64 -32.04 23.32 -10.73
N GLN C 65 -32.74 24.15 -9.96
CA GLN C 65 -34.13 24.56 -10.19
C GLN C 65 -35.15 23.42 -10.09
N ILE C 66 -34.80 22.30 -9.47
CA ILE C 66 -35.84 21.35 -9.08
C ILE C 66 -36.66 21.93 -7.94
N LEU C 67 -36.02 22.66 -7.04
CA LEU C 67 -36.67 23.28 -5.89
C LEU C 67 -36.71 24.80 -6.06
N THR C 68 -37.65 25.42 -5.37
CA THR C 68 -37.77 26.88 -5.34
C THR C 68 -37.66 27.39 -3.91
N LEU C 69 -37.12 28.60 -3.78
CA LEU C 69 -36.86 29.22 -2.47
C LEU C 69 -37.40 30.65 -2.51
N LYS C 70 -38.66 30.81 -2.06
CA LYS C 70 -39.27 32.13 -1.93
C LYS C 70 -39.61 32.46 -0.48
N HIS C 71 -39.13 31.63 0.44
CA HIS C 71 -39.42 31.84 1.89
C HIS C 71 -38.15 31.60 2.70
N GLY C 72 -38.04 32.24 3.87
CA GLY C 72 -36.85 32.12 4.70
C GLY C 72 -36.51 30.68 5.03
N SER C 73 -37.53 29.83 5.18
CA SER C 73 -37.32 28.42 5.45
C SER C 73 -38.15 27.49 4.57
N GLY C 74 -39.12 28.00 3.82
CA GLY C 74 -39.98 27.15 3.02
C GLY C 74 -39.39 26.78 1.67
N ALA C 75 -39.92 25.72 1.09
CA ALA C 75 -39.52 25.25 -0.22
C ALA C 75 -40.64 24.43 -0.82
N ILE C 76 -40.81 24.53 -2.14
CA ILE C 76 -41.91 23.91 -2.86
C ILE C 76 -41.36 23.12 -4.04
N ILE C 77 -41.88 21.91 -4.23
CA ILE C 77 -41.50 21.10 -5.38
C ILE C 77 -41.94 21.82 -6.67
N LEU C 78 -41.07 21.79 -7.67
CA LEU C 78 -41.34 22.51 -8.93
C LEU C 78 -41.54 21.55 -10.09
N SER C 79 -40.57 20.69 -10.40
CA SER C 79 -40.62 19.87 -11.61
C SER C 79 -39.99 18.51 -11.33
N LYS C 80 -40.63 17.45 -11.82
CA LYS C 80 -40.10 16.11 -11.60
C LYS C 80 -39.05 15.73 -12.65
N GLU C 81 -39.27 16.15 -13.90
CA GLU C 81 -38.40 15.68 -14.99
C GLU C 81 -36.98 16.17 -14.82
N LYS C 82 -36.80 17.39 -14.31
CA LYS C 82 -35.46 17.92 -14.10
C LYS C 82 -34.72 17.10 -13.05
N ALA C 83 -35.41 16.71 -11.98
CA ALA C 83 -34.82 15.82 -10.99
C ALA C 83 -34.50 14.47 -11.60
N ILE C 84 -35.38 13.99 -12.49
CA ILE C 84 -35.11 12.72 -13.18
C ILE C 84 -33.81 12.82 -13.96
N GLU C 85 -33.61 13.92 -14.69
CA GLU C 85 -32.38 14.12 -15.45
C GLU C 85 -31.17 14.18 -14.52
N PHE C 86 -31.33 14.84 -13.37
CA PHE C 86 -30.25 14.88 -12.39
C PHE C 86 -29.88 13.47 -11.93
N LEU C 87 -30.87 12.62 -11.69
CA LEU C 87 -30.59 11.23 -11.33
C LEU C 87 -29.90 10.48 -12.46
N ASN C 88 -30.30 10.72 -13.71
CA ASN C 88 -29.61 10.04 -14.81
C ASN C 88 -28.16 10.47 -14.88
N GLN C 89 -27.87 11.75 -14.71
CA GLN C 89 -26.49 12.21 -14.71
C GLN C 89 -25.70 11.58 -13.57
N TYR C 90 -26.27 11.57 -12.36
CA TYR C 90 -25.57 10.99 -11.22
C TYR C 90 -25.33 9.49 -11.41
N GLU C 91 -26.29 8.78 -11.99
CA GLU C 91 -26.13 7.35 -12.23
C GLU C 91 -25.08 7.08 -13.30
N THR C 92 -25.11 7.84 -14.39
CA THR C 92 -24.04 7.72 -15.38
C THR C 92 -22.68 8.06 -14.80
N SER C 93 -22.64 8.83 -13.71
CA SER C 93 -21.40 9.04 -12.98
C SER C 93 -21.17 8.01 -11.87
N HIS C 94 -22.24 7.40 -11.31
CA HIS C 94 -22.12 6.38 -10.26
C HIS C 94 -23.31 5.41 -10.40
N SER C 95 -23.03 4.22 -10.94
CA SER C 95 -24.05 3.20 -11.11
C SER C 95 -23.61 1.83 -10.61
N VAL C 96 -22.82 1.77 -9.53
CA VAL C 96 -22.43 0.53 -8.86
C VAL C 96 -21.55 -0.32 -9.75
N ALA C 97 -22.07 -0.72 -10.93
CA ALA C 97 -21.30 -1.57 -11.83
C ALA C 97 -20.04 -0.85 -12.31
N ILE C 98 -20.17 0.43 -12.64
CA ILE C 98 -18.98 1.23 -12.96
C ILE C 98 -18.07 1.32 -11.76
N LEU C 99 -18.63 1.50 -10.56
CA LEU C 99 -17.83 1.46 -9.34
C LEU C 99 -17.23 0.08 -9.13
N LYS C 100 -17.94 -0.97 -9.52
CA LYS C 100 -17.40 -2.32 -9.45
C LYS C 100 -16.15 -2.44 -10.31
N GLY C 101 -16.23 -1.92 -11.54
CA GLY C 101 -15.06 -1.92 -12.40
C GLY C 101 -13.90 -1.13 -11.82
N LYS C 102 -14.21 0.02 -11.22
CA LYS C 102 -13.16 0.84 -10.63
C LYS C 102 -12.51 0.14 -9.44
N ILE C 103 -13.31 -0.52 -8.61
CA ILE C 103 -12.75 -1.19 -7.44
C ILE C 103 -11.96 -2.44 -7.83
N ARG C 104 -12.29 -3.06 -8.96
CA ARG C 104 -11.45 -4.14 -9.46
C ARG C 104 -10.16 -3.62 -10.05
N ASP C 105 -10.24 -2.55 -10.84
CA ASP C 105 -9.06 -2.01 -11.51
C ASP C 105 -8.08 -1.42 -10.50
N ASN C 106 -8.59 -0.81 -9.44
CA ASN C 106 -7.72 -0.24 -8.42
C ASN C 106 -6.95 -1.33 -7.69
N ILE C 107 -7.63 -2.44 -7.38
CA ILE C 107 -6.96 -3.59 -6.78
C ILE C 107 -5.88 -4.12 -7.72
N LYS C 108 -6.21 -4.22 -9.02
CA LYS C 108 -5.22 -4.70 -9.98
C LYS C 108 -4.02 -3.77 -10.06
N ALA C 109 -4.26 -2.45 -10.04
CA ALA C 109 -3.17 -1.49 -10.10
C ALA C 109 -2.30 -1.56 -8.85
N GLN C 110 -2.92 -1.73 -7.68
CA GLN C 110 -2.14 -1.88 -6.45
C GLN C 110 -1.31 -3.15 -6.49
N GLN C 111 -1.86 -4.24 -7.04
CA GLN C 111 -1.08 -5.46 -7.17
C GLN C 111 0.09 -5.27 -8.12
N GLN C 112 -0.12 -4.53 -9.21
CA GLN C 112 0.99 -4.22 -10.12
C GLN C 112 2.06 -3.40 -9.41
N GLU C 113 1.62 -2.43 -8.60
CA GLU C 113 2.58 -1.61 -7.84
C GLU C 113 3.36 -2.45 -6.85
N MET C 114 2.69 -3.39 -6.18
CA MET C 114 3.38 -4.30 -5.27
C MET C 114 4.36 -5.20 -6.00
N GLU C 115 4.01 -5.66 -7.20
CA GLU C 115 4.95 -6.46 -7.98
C GLU C 115 6.16 -5.64 -8.40
N GLU C 116 5.93 -4.38 -8.77
CA GLU C 116 7.04 -3.49 -9.10
C GLU C 116 7.94 -3.29 -7.90
N LEU C 117 7.34 -3.09 -6.72
CA LEU C 117 8.11 -2.92 -5.50
C LEU C 117 8.90 -4.18 -5.16
N ALA C 118 8.29 -5.35 -5.37
CA ALA C 118 8.99 -6.61 -5.09
C ALA C 118 10.20 -6.77 -6.00
N THR C 119 10.02 -6.49 -7.30
CA THR C 119 11.16 -6.57 -8.21
C THR C 119 12.24 -5.56 -7.84
N LEU C 120 11.83 -4.34 -7.46
CA LEU C 120 12.78 -3.31 -7.07
C LEU C 120 13.60 -3.75 -5.87
N VAL C 121 12.94 -4.25 -4.83
CA VAL C 121 13.66 -4.62 -3.61
C VAL C 121 14.51 -5.86 -3.85
N ASP C 122 14.06 -6.77 -4.71
CA ASP C 122 14.86 -7.94 -5.03
C ASP C 122 16.15 -7.55 -5.74
N ASP C 123 16.03 -6.68 -6.75
CA ASP C 123 17.21 -6.19 -7.45
C ASP C 123 18.11 -5.42 -6.48
N PHE C 124 17.50 -4.67 -5.57
CA PHE C 124 18.24 -3.94 -4.55
C PHE C 124 19.09 -4.87 -3.70
N LEU C 125 18.47 -5.91 -3.15
CA LEU C 125 19.19 -6.87 -2.31
C LEU C 125 20.27 -7.60 -3.10
N LEU C 126 19.98 -7.94 -4.35
CA LEU C 126 20.98 -8.59 -5.19
C LEU C 126 22.19 -7.69 -5.40
N GLN C 127 21.94 -6.40 -5.62
CA GLN C 127 23.04 -5.46 -5.86
C GLN C 127 23.84 -5.21 -4.58
N THR C 128 23.19 -5.24 -3.42
CA THR C 128 23.86 -4.86 -2.18
C THR C 128 25.08 -5.75 -1.90
N ARG C 129 24.84 -7.03 -1.57
CA ARG C 129 25.96 -7.97 -1.24
C ARG C 129 26.91 -7.31 -0.24
N ALA C 130 26.40 -6.94 0.93
CA ALA C 130 27.21 -6.15 1.85
C ALA C 130 27.93 -6.96 2.93
N VAL C 131 29.09 -6.46 3.35
CA VAL C 131 29.92 -7.09 4.36
C VAL C 131 29.69 -6.42 5.71
N SER C 132 30.13 -7.07 6.79
CA SER C 132 30.01 -6.52 8.12
C SER C 132 31.24 -5.70 8.49
N LYS C 133 31.16 -4.99 9.62
CA LYS C 133 32.22 -4.10 10.09
C LYS C 133 32.65 -4.40 11.52
N GLN C 134 32.67 -5.69 11.91
CA GLN C 134 32.98 -6.06 13.32
C GLN C 134 34.42 -5.68 13.67
N TYR C 135 34.58 -4.91 14.75
CA TYR C 135 35.96 -4.55 15.20
C TYR C 135 36.67 -5.76 15.85
N PRO C 136 36.00 -6.67 16.62
CA PRO C 136 36.67 -7.88 17.12
C PRO C 136 37.15 -8.78 15.97
N LEU C 137 36.63 -8.57 14.77
CA LEU C 137 37.02 -9.40 13.59
C LEU C 137 38.20 -8.75 12.86
N ALA C 138 38.80 -7.71 13.42
CA ALA C 138 39.92 -7.00 12.75
C ALA C 138 41.09 -7.94 12.52
N PRO C 139 41.68 -7.99 11.31
CA PRO C 139 42.82 -8.86 11.02
C PRO C 139 44.14 -8.38 11.62
N TYR C 140 45.11 -9.28 11.77
CA TYR C 140 46.46 -8.90 12.29
C TYR C 140 47.51 -9.20 11.23
N GLU C 141 48.28 -8.18 10.81
CA GLU C 141 49.29 -8.36 9.75
C GLU C 141 50.67 -8.63 10.36
N ILE C 142 51.22 -9.84 10.15
CA ILE C 142 52.55 -10.13 10.66
C ILE C 142 53.49 -10.36 9.48
N ILE C 143 54.80 -10.28 9.75
CA ILE C 143 55.82 -10.42 8.65
C ILE C 143 56.75 -11.58 9.00
N VAL C 144 56.66 -12.69 8.26
CA VAL C 144 57.52 -13.89 8.55
C VAL C 144 58.85 -13.63 7.86
N SER C 145 59.60 -12.62 8.31
CA SER C 145 60.92 -12.28 7.73
C SER C 145 61.89 -13.21 8.44
N GLU C 146 61.65 -13.49 9.73
CA GLU C 146 62.62 -14.31 10.52
C GLU C 146 62.65 -15.75 10.03
N ASP C 147 63.80 -16.41 10.18
CA ASP C 147 63.96 -17.82 9.71
C ASP C 147 63.05 -18.74 10.53
N SER C 148 62.34 -19.65 9.87
CA SER C 148 61.51 -20.65 10.59
C SER C 148 61.52 -21.97 9.81
N GLU C 149 61.49 -23.11 10.52
CA GLU C 149 61.37 -24.41 9.82
C GLU C 149 59.96 -24.43 9.23
N HIS C 150 59.08 -23.60 9.78
CA HIS C 150 57.71 -23.52 9.29
C HIS C 150 57.57 -22.79 7.96
N LEU C 151 58.65 -22.24 7.42
CA LEU C 151 58.61 -21.59 6.12
C LEU C 151 58.83 -22.61 5.00
N GLY C 152 58.29 -22.27 3.82
CA GLY C 152 58.38 -23.20 2.68
C GLY C 152 57.38 -24.33 2.85
N LYS C 153 56.31 -24.07 3.60
CA LYS C 153 55.35 -25.17 3.91
C LYS C 153 53.91 -24.71 3.64
N SER C 154 53.02 -25.66 3.37
CA SER C 154 51.60 -25.34 3.07
C SER C 154 50.82 -25.19 4.38
N ILE C 155 49.76 -24.38 4.38
CA ILE C 155 48.94 -24.18 5.60
C ILE C 155 48.45 -25.54 6.11
N GLY C 156 47.97 -26.38 5.19
CA GLY C 156 47.52 -27.72 5.59
C GLY C 156 48.67 -28.52 6.16
N GLU C 157 49.85 -28.39 5.54
CA GLU C 157 51.04 -29.14 6.02
C GLU C 157 51.36 -28.72 7.45
N LEU C 158 51.28 -27.42 7.73
CA LEU C 158 51.66 -26.93 9.09
C LEU C 158 50.53 -27.27 10.06
N ASN C 159 49.31 -27.39 9.53
CA ASN C 159 48.13 -27.61 10.37
C ASN C 159 47.97 -26.42 11.32
N VAL C 160 47.93 -25.22 10.72
CA VAL C 160 47.93 -23.95 11.51
C VAL C 160 47.04 -23.93 12.74
N TRP C 161 45.73 -24.15 12.65
CA TRP C 161 44.85 -23.92 13.83
C TRP C 161 45.22 -24.79 15.03
N HIS C 162 45.42 -26.09 14.85
CA HIS C 162 45.68 -26.93 16.05
C HIS C 162 46.97 -26.43 16.69
N GLN C 163 47.95 -26.09 15.87
CA GLN C 163 49.25 -25.58 16.37
C GLN C 163 49.17 -24.22 17.08
N THR C 164 48.39 -23.25 16.59
CA THR C 164 48.48 -21.88 17.21
C THR C 164 47.13 -21.27 17.57
N GLY C 165 46.05 -21.87 17.08
CA GLY C 165 44.74 -21.31 17.30
C GLY C 165 44.33 -20.25 16.31
N ALA C 166 45.16 -19.93 15.33
CA ALA C 166 44.89 -18.87 14.38
C ALA C 166 44.12 -19.37 13.16
N THR C 167 43.22 -18.53 12.65
CA THR C 167 42.58 -18.74 11.36
C THR C 167 43.15 -17.70 10.40
N ILE C 168 43.89 -18.20 9.42
CA ILE C 168 44.52 -17.32 8.38
C ILE C 168 43.44 -16.82 7.44
N VAL C 169 43.34 -15.50 7.28
CA VAL C 169 42.39 -14.94 6.33
C VAL C 169 43.05 -14.53 5.02
N ALA C 170 44.35 -14.26 5.01
CA ALA C 170 44.98 -13.78 3.75
C ALA C 170 46.51 -13.87 3.76
N ILE C 171 47.10 -14.19 2.61
CA ILE C 171 48.59 -14.20 2.47
C ILE C 171 48.95 -13.19 1.38
N GLU C 172 49.39 -11.99 1.76
CA GLU C 172 49.70 -10.94 0.77
C GLU C 172 51.06 -11.23 0.13
N HIS C 173 51.08 -11.51 -1.18
CA HIS C 173 52.36 -11.79 -1.89
C HIS C 173 52.72 -10.60 -2.78
N GLU C 174 53.59 -9.70 -2.28
CA GLU C 174 54.01 -8.50 -3.06
C GLU C 174 52.78 -7.71 -3.51
N GLY C 175 51.74 -7.63 -2.66
CA GLY C 175 50.53 -6.85 -3.00
C GLY C 175 49.37 -7.72 -3.43
N LYS C 176 49.63 -8.90 -3.99
CA LYS C 176 48.55 -9.79 -4.49
C LYS C 176 48.03 -10.63 -3.32
N PHE C 177 46.88 -10.25 -2.76
CA PHE C 177 46.33 -10.96 -1.57
C PHE C 177 45.78 -12.32 -1.96
N ILE C 178 45.95 -13.32 -1.09
CA ILE C 178 45.34 -14.66 -1.36
C ILE C 178 44.32 -14.89 -0.22
N VAL C 179 43.15 -14.25 -0.33
CA VAL C 179 42.11 -14.35 0.75
C VAL C 179 41.56 -15.78 0.80
N SER C 180 41.06 -16.22 1.96
CA SER C 180 40.59 -17.62 2.11
C SER C 180 41.63 -18.49 1.43
N PRO C 181 42.87 -18.58 1.94
CA PRO C 181 43.96 -19.22 1.18
C PRO C 181 43.85 -20.74 1.05
N GLY C 182 43.21 -21.41 1.98
CA GLY C 182 43.15 -22.86 1.93
C GLY C 182 44.43 -23.55 2.37
N PRO C 183 44.40 -24.89 2.37
CA PRO C 183 45.51 -25.67 2.93
C PRO C 183 46.71 -25.78 2.03
N PHE C 184 46.54 -25.41 0.76
CA PHE C 184 47.63 -25.61 -0.23
C PHE C 184 48.57 -24.41 -0.28
N SER C 185 48.04 -23.20 -0.12
CA SER C 185 48.91 -22.00 -0.30
C SER C 185 50.13 -22.11 0.63
N VAL C 186 51.31 -21.78 0.09
CA VAL C 186 52.55 -21.92 0.89
C VAL C 186 53.03 -20.51 1.28
N ILE C 187 53.31 -20.31 2.56
CA ILE C 187 53.74 -18.97 3.05
C ILE C 187 55.26 -18.84 2.88
N GLU C 188 55.70 -18.02 1.93
CA GLU C 188 57.15 -17.80 1.70
C GLU C 188 57.70 -16.85 2.76
N GLN C 189 59.01 -16.80 2.90
CA GLN C 189 59.65 -15.88 3.88
C GLN C 189 59.38 -14.43 3.48
N GLY C 190 59.12 -13.55 4.45
CA GLY C 190 58.91 -12.12 4.16
C GLY C 190 57.48 -11.80 3.72
N ASP C 191 56.61 -12.80 3.70
CA ASP C 191 55.19 -12.57 3.34
C ASP C 191 54.45 -11.98 4.54
N HIS C 192 53.28 -11.38 4.31
CA HIS C 192 52.47 -10.85 5.44
C HIS C 192 51.29 -11.80 5.68
N ILE C 193 51.24 -12.42 6.86
CA ILE C 193 50.12 -13.35 7.18
C ILE C 193 49.06 -12.55 7.94
N PHE C 194 47.82 -12.57 7.44
CA PHE C 194 46.71 -11.83 8.10
C PHE C 194 45.82 -12.87 8.77
N PHE C 195 45.47 -12.70 10.04
CA PHE C 195 44.72 -13.79 10.71
C PHE C 195 43.79 -13.28 11.82
N VAL C 196 42.90 -14.16 12.29
CA VAL C 196 42.03 -13.80 13.39
C VAL C 196 42.28 -14.72 14.58
N GLY C 197 41.84 -14.19 15.74
CA GLY C 197 42.04 -14.88 17.03
C GLY C 197 42.07 -13.82 18.13
N ASP C 198 42.50 -14.15 19.34
CA ASP C 198 42.52 -13.07 20.36
C ASP C 198 43.95 -12.60 20.52
N GLU C 199 44.22 -11.86 21.60
CA GLU C 199 45.62 -11.46 21.85
C GLU C 199 46.43 -12.74 22.07
N ASP C 200 45.83 -13.71 22.77
CA ASP C 200 46.56 -14.97 23.05
C ASP C 200 46.90 -15.63 21.72
N VAL C 201 45.94 -15.64 20.80
CA VAL C 201 46.17 -16.29 19.48
C VAL C 201 47.27 -15.54 18.72
N TYR C 202 47.27 -14.21 18.79
CA TYR C 202 48.29 -13.40 18.09
C TYR C 202 49.66 -13.77 18.66
N ALA C 203 49.74 -13.90 19.99
CA ALA C 203 51.03 -14.23 20.64
C ALA C 203 51.48 -15.63 20.19
N ARG C 204 50.55 -16.57 20.12
CA ARG C 204 50.89 -17.95 19.70
C ARG C 204 51.41 -17.92 18.26
N MET C 205 50.80 -17.09 17.41
CA MET C 205 51.24 -16.96 16.00
C MET C 205 52.65 -16.39 15.95
N LYS C 206 52.94 -15.44 16.85
CA LYS C 206 54.32 -14.90 16.94
C LYS C 206 55.20 -15.97 17.58
N THR C 207 54.62 -16.86 18.40
CA THR C 207 55.42 -17.96 19.01
C THR C 207 55.83 -18.93 17.91
N TYR C 208 54.88 -19.33 17.07
CA TYR C 208 55.16 -20.30 15.98
C TYR C 208 56.19 -19.70 15.04
N PHE C 209 56.07 -18.41 14.74
CA PHE C 209 56.97 -17.77 13.75
C PHE C 209 58.13 -17.05 14.44
N ASN C 210 58.17 -17.06 15.77
CA ASN C 210 59.29 -16.44 16.54
C ASN C 210 59.49 -14.99 16.10
N LEU C 211 58.40 -14.23 15.95
CA LEU C 211 58.48 -12.81 15.51
C LEU C 211 58.46 -11.87 16.72
N ARG C 212 58.40 -12.43 17.95
CA ARG C 212 58.37 -11.61 19.19
C ARG C 212 59.28 -10.40 19.05
N TYR D 15 20.65 12.45 14.28
CA TYR D 15 21.52 12.86 15.38
C TYR D 15 22.56 11.77 15.67
N GLN D 16 22.16 10.52 15.51
CA GLN D 16 23.07 9.42 15.75
C GLN D 16 24.03 9.23 14.58
N LYS D 17 23.70 9.78 13.42
CA LYS D 17 24.55 9.64 12.24
C LYS D 17 25.91 10.29 12.46
N ILE D 18 25.91 11.51 13.01
CA ILE D 18 27.17 12.19 13.27
C ILE D 18 27.96 11.45 14.34
N ALA D 19 27.25 10.87 15.31
CA ALA D 19 27.91 10.11 16.37
C ALA D 19 28.62 8.89 15.80
N VAL D 20 27.93 8.12 14.96
CA VAL D 20 28.54 6.91 14.40
C VAL D 20 29.66 7.28 13.43
N ALA D 21 29.50 8.38 12.70
CA ALA D 21 30.55 8.81 11.78
C ALA D 21 31.82 9.19 12.54
N VAL D 22 31.68 9.99 13.60
CA VAL D 22 32.85 10.42 14.35
C VAL D 22 33.45 9.24 15.11
N ALA D 23 32.61 8.29 15.54
CA ALA D 23 33.13 7.08 16.16
C ALA D 23 33.97 6.28 15.19
N GLN D 24 33.49 6.13 13.95
CA GLN D 24 34.27 5.44 12.93
C GLN D 24 35.58 6.16 12.66
N ARG D 25 35.54 7.49 12.59
CA ARG D 25 36.76 8.25 12.30
C ARG D 25 37.76 8.16 13.45
N ILE D 26 37.30 8.15 14.69
CA ILE D 26 38.20 8.00 15.82
C ILE D 26 38.79 6.60 15.86
N ALA D 27 37.94 5.59 15.69
CA ALA D 27 38.39 4.20 15.74
C ALA D 27 39.28 3.83 14.56
N ASN D 28 39.14 4.50 13.42
CA ASN D 28 39.97 4.19 12.25
C ASN D 28 41.43 4.54 12.50
N GLY D 29 41.70 5.47 13.42
CA GLY D 29 43.05 5.95 13.64
C GLY D 29 43.41 7.22 12.91
N ASP D 30 42.52 7.73 12.06
CA ASP D 30 42.77 9.03 11.43
C ASP D 30 42.83 10.13 12.46
N TYR D 31 41.95 10.09 13.45
CA TYR D 31 41.99 10.98 14.60
C TYR D 31 42.64 10.23 15.77
N GLU D 32 43.92 10.51 16.02
CA GLU D 32 44.58 9.89 17.14
C GLU D 32 44.25 10.61 18.44
N VAL D 33 44.54 9.94 19.55
CA VAL D 33 43.96 10.32 20.84
C VAL D 33 44.38 11.73 21.24
N GLY D 34 45.65 12.06 21.03
CA GLY D 34 46.17 13.33 21.55
C GLY D 34 45.65 14.56 20.81
N GLU D 35 45.67 14.50 19.47
CA GLU D 35 45.40 15.69 18.66
C GLU D 35 43.98 16.23 18.85
N LYS D 36 43.83 17.54 18.72
CA LYS D 36 42.57 18.23 18.96
C LYS D 36 41.54 17.91 17.87
N LEU D 37 40.27 17.96 18.25
CA LEU D 37 39.19 17.74 17.30
C LEU D 37 39.04 18.95 16.38
N LYS D 38 38.42 18.70 15.23
CA LYS D 38 38.12 19.75 14.28
C LYS D 38 37.00 20.64 14.81
N SER D 39 36.84 21.81 14.19
CA SER D 39 35.79 22.74 14.58
C SER D 39 34.43 22.18 14.23
N ARG D 40 33.41 22.63 14.96
CA ARG D 40 32.05 22.14 14.73
C ARG D 40 31.57 22.49 13.32
N THR D 41 32.08 23.59 12.75
CA THR D 41 31.75 23.92 11.37
C THR D 41 32.26 22.88 10.39
N THR D 42 33.54 22.54 10.47
CA THR D 42 34.10 21.53 9.57
C THR D 42 33.44 20.18 9.79
N ILE D 43 33.20 19.81 11.04
CA ILE D 43 32.54 18.55 11.34
C ILE D 43 31.15 18.51 10.73
N ALA D 44 30.41 19.61 10.87
CA ALA D 44 29.05 19.68 10.28
C ALA D 44 29.13 19.56 8.76
N SER D 45 30.09 20.27 8.14
CA SER D 45 30.19 20.27 6.69
C SER D 45 30.55 18.90 6.15
N THR D 46 31.41 18.17 6.86
CA THR D 46 31.84 16.86 6.38
C THR D 46 30.68 15.87 6.32
N PHE D 47 29.85 15.88 7.37
CA PHE D 47 28.78 14.85 7.44
C PHE D 47 27.47 15.41 6.85
N ASN D 48 27.57 16.39 5.96
CA ASN D 48 26.37 16.92 5.26
C ASN D 48 25.30 17.17 6.32
N VAL D 49 25.67 17.77 7.47
CA VAL D 49 24.67 18.09 8.52
C VAL D 49 25.01 19.54 8.88
N SER D 50 24.43 20.07 9.96
CA SER D 50 24.65 21.51 10.32
C SER D 50 25.23 21.75 11.71
N PRO D 51 25.83 22.93 11.99
CA PRO D 51 26.35 23.26 13.31
C PRO D 51 25.45 22.86 14.48
N GLU D 52 24.14 23.05 14.33
CA GLU D 52 23.20 22.73 15.44
C GLU D 52 23.17 21.21 15.69
N THR D 53 22.92 20.40 14.65
CA THR D 53 23.00 18.94 14.83
C THR D 53 24.37 18.59 15.37
N ALA D 54 25.40 19.16 14.76
CA ALA D 54 26.78 18.84 15.17
C ALA D 54 26.91 18.93 16.69
N ARG D 55 26.52 20.07 17.28
CA ARG D 55 26.79 20.21 18.70
C ARG D 55 25.91 19.23 19.49
N LYS D 56 24.69 18.98 19.00
CA LYS D 56 23.84 17.99 19.67
C LYS D 56 24.49 16.61 19.67
N GLY D 57 25.03 16.21 18.52
CA GLY D 57 25.71 14.92 18.45
C GLY D 57 26.96 14.88 19.32
N LEU D 58 27.71 15.98 19.36
CA LEU D 58 28.89 16.03 20.22
C LEU D 58 28.53 15.95 21.69
N ASN D 59 27.45 16.60 22.10
CA ASN D 59 27.00 16.47 23.49
C ASN D 59 26.55 15.04 23.79
N ILE D 60 25.87 14.38 22.84
CA ILE D 60 25.50 12.98 23.06
C ILE D 60 26.76 12.14 23.23
N LEU D 61 27.75 12.33 22.36
CA LEU D 61 28.97 11.55 22.43
C LEU D 61 29.72 11.81 23.72
N ALA D 62 29.71 13.07 24.19
CA ALA D 62 30.31 13.39 25.48
C ALA D 62 29.57 12.69 26.62
N ASP D 63 28.24 12.66 26.56
CA ASP D 63 27.46 11.93 27.55
C ASP D 63 27.77 10.44 27.55
N LEU D 64 28.20 9.89 26.42
CA LEU D 64 28.72 8.53 26.40
C LEU D 64 30.13 8.43 26.96
N GLN D 65 30.62 9.48 27.61
CA GLN D 65 31.97 9.46 28.26
C GLN D 65 33.05 9.03 27.26
N ILE D 66 32.96 9.49 26.01
CA ILE D 66 33.99 9.20 25.02
C ILE D 66 34.77 10.45 24.63
N LEU D 67 34.12 11.62 24.63
CA LEU D 67 34.76 12.90 24.32
C LEU D 67 34.39 13.92 25.40
N THR D 68 35.27 14.90 25.58
CA THR D 68 35.02 16.01 26.49
C THR D 68 35.06 17.31 25.69
N LEU D 69 34.00 18.11 25.82
CA LEU D 69 33.90 19.38 25.10
C LEU D 69 34.14 20.50 26.10
N LYS D 70 35.43 20.80 26.33
CA LYS D 70 35.84 21.83 27.26
C LYS D 70 36.35 23.09 26.56
N HIS D 71 37.02 22.95 25.43
CA HIS D 71 37.55 24.07 24.68
C HIS D 71 36.70 24.30 23.42
N GLY D 72 36.33 25.55 23.19
CA GLY D 72 35.47 25.87 22.06
C GLY D 72 36.13 25.59 20.73
N SER D 73 37.44 25.81 20.62
CA SER D 73 38.13 25.60 19.34
C SER D 73 38.08 24.14 18.93
N GLY D 74 38.25 23.23 19.88
CA GLY D 74 38.22 21.81 19.57
C GLY D 74 38.30 21.01 20.84
N ALA D 75 38.18 19.69 20.68
CA ALA D 75 38.17 18.76 21.79
C ALA D 75 39.32 17.78 21.69
N ILE D 76 39.82 17.34 22.83
CA ILE D 76 40.86 16.31 22.89
C ILE D 76 40.19 14.97 23.13
N ILE D 77 40.49 13.99 22.28
CA ILE D 77 39.88 12.68 22.42
C ILE D 77 40.37 12.00 23.68
N LEU D 78 39.42 11.46 24.45
CA LEU D 78 39.70 10.85 25.75
C LEU D 78 40.14 9.41 25.64
N SER D 79 39.46 8.60 24.83
CA SER D 79 39.76 7.18 24.75
C SER D 79 39.39 6.65 23.37
N LYS D 80 39.92 5.47 23.05
CA LYS D 80 39.61 4.84 21.74
C LYS D 80 38.73 3.60 21.96
N GLU D 81 39.01 2.79 22.99
CA GLU D 81 38.25 1.56 23.15
C GLU D 81 36.77 1.84 23.43
N LYS D 82 36.47 2.99 24.03
CA LYS D 82 35.08 3.33 24.28
C LYS D 82 34.31 3.53 22.98
N ALA D 83 34.93 4.21 22.00
CA ALA D 83 34.31 4.37 20.70
C ALA D 83 34.13 3.02 20.02
N ILE D 84 35.10 2.13 20.17
CA ILE D 84 35.00 0.79 19.59
C ILE D 84 33.82 0.05 20.20
N GLU D 85 33.65 0.15 21.52
CA GLU D 85 32.53 -0.52 22.18
C GLU D 85 31.19 0.06 21.74
N PHE D 86 31.11 1.39 21.60
CA PHE D 86 29.87 2.00 21.13
C PHE D 86 29.55 1.56 19.71
N LEU D 87 30.56 1.51 18.84
CA LEU D 87 30.35 1.03 17.47
C LEU D 87 29.94 -0.43 17.46
N ASN D 88 30.50 -1.24 18.38
CA ASN D 88 30.11 -2.64 18.47
C ASN D 88 28.65 -2.77 18.85
N GLN D 89 28.20 -1.98 19.83
CA GLN D 89 26.79 -2.01 20.22
C GLN D 89 25.89 -1.59 19.06
N TYR D 90 26.28 -0.52 18.36
CA TYR D 90 25.46 -0.06 17.23
C TYR D 90 25.40 -1.10 16.13
N GLU D 91 26.55 -1.72 15.82
CA GLU D 91 26.63 -2.76 14.75
C GLU D 91 25.84 -3.99 15.16
N THR D 92 25.84 -4.34 16.43
CA THR D 92 25.00 -5.43 16.93
C THR D 92 23.53 -5.08 16.73
N SER D 93 23.19 -3.80 16.93
CA SER D 93 21.84 -3.35 16.60
C SER D 93 21.64 -3.22 15.09
N HIS D 94 22.69 -2.85 14.35
CA HIS D 94 22.60 -2.57 12.92
C HIS D 94 23.77 -3.24 12.19
N SER D 95 23.56 -4.46 11.70
CA SER D 95 24.60 -5.21 11.02
C SER D 95 24.29 -5.49 9.56
N VAL D 96 23.40 -4.70 8.94
CA VAL D 96 23.04 -4.83 7.53
C VAL D 96 22.33 -6.15 7.27
N ALA D 97 22.97 -7.27 7.61
CA ALA D 97 22.33 -8.57 7.45
C ALA D 97 21.07 -8.66 8.29
N ILE D 98 21.12 -8.16 9.53
CA ILE D 98 19.90 -8.05 10.33
C ILE D 98 18.92 -7.11 9.66
N LEU D 99 19.41 -6.03 9.05
CA LEU D 99 18.54 -5.14 8.29
C LEU D 99 17.94 -5.85 7.08
N LYS D 100 18.72 -6.70 6.41
CA LYS D 100 18.18 -7.47 5.30
C LYS D 100 17.08 -8.42 5.76
N GLY D 101 17.30 -9.09 6.89
CA GLY D 101 16.25 -9.93 7.45
C GLY D 101 15.00 -9.14 7.80
N LYS D 102 15.19 -7.96 8.40
CA LYS D 102 14.05 -7.13 8.75
C LYS D 102 13.27 -6.69 7.52
N ILE D 103 13.97 -6.27 6.46
CA ILE D 103 13.25 -5.79 5.28
C ILE D 103 12.57 -6.95 4.57
N ARG D 104 13.19 -8.13 4.54
CA ARG D 104 12.54 -9.29 3.93
C ARG D 104 11.28 -9.69 4.70
N ASP D 105 11.39 -9.75 6.03
CA ASP D 105 10.21 -10.06 6.84
C ASP D 105 9.14 -8.99 6.66
N ASN D 106 9.57 -7.73 6.53
CA ASN D 106 8.63 -6.63 6.43
C ASN D 106 7.87 -6.70 5.11
N ILE D 107 8.55 -7.05 4.02
CA ILE D 107 7.89 -7.14 2.72
C ILE D 107 7.01 -8.39 2.65
N LYS D 108 7.42 -9.46 3.33
CA LYS D 108 6.53 -10.62 3.45
C LYS D 108 5.26 -10.24 4.19
N ALA D 109 5.39 -9.42 5.23
CA ALA D 109 4.23 -8.88 5.92
C ALA D 109 3.38 -8.04 4.98
N GLN D 110 4.04 -7.19 4.18
CA GLN D 110 3.36 -6.36 3.19
C GLN D 110 2.45 -7.22 2.32
N GLN D 111 3.01 -8.32 1.80
CA GLN D 111 2.22 -9.24 0.99
C GLN D 111 1.12 -9.91 1.81
N GLN D 112 1.37 -10.11 3.10
CA GLN D 112 0.33 -10.71 3.94
C GLN D 112 -0.90 -9.81 4.06
N GLU D 113 -0.69 -8.53 4.37
CA GLU D 113 -1.85 -7.63 4.41
C GLU D 113 -2.47 -7.45 3.04
N MET D 114 -1.66 -7.48 1.98
CA MET D 114 -2.26 -7.37 0.65
C MET D 114 -3.13 -8.58 0.33
N GLU D 115 -2.70 -9.77 0.73
CA GLU D 115 -3.53 -10.97 0.53
C GLU D 115 -4.82 -10.88 1.35
N GLU D 116 -4.71 -10.41 2.60
CA GLU D 116 -5.91 -10.27 3.43
C GLU D 116 -6.88 -9.29 2.80
N LEU D 117 -6.38 -8.14 2.36
CA LEU D 117 -7.24 -7.15 1.74
C LEU D 117 -7.84 -7.67 0.44
N ALA D 118 -7.06 -8.44 -0.31
CA ALA D 118 -7.54 -9.01 -1.58
C ALA D 118 -8.70 -9.96 -1.33
N THR D 119 -8.56 -10.85 -0.34
CA THR D 119 -9.64 -11.79 -0.08
C THR D 119 -10.86 -11.09 0.51
N LEU D 120 -10.64 -10.04 1.32
CA LEU D 120 -11.76 -9.25 1.83
C LEU D 120 -12.55 -8.61 0.69
N VAL D 121 -11.84 -7.93 -0.21
CA VAL D 121 -12.51 -7.22 -1.30
C VAL D 121 -13.14 -8.22 -2.27
N ASP D 122 -12.55 -9.40 -2.42
CA ASP D 122 -13.13 -10.42 -3.28
C ASP D 122 -14.43 -10.95 -2.68
N ASP D 123 -14.44 -11.20 -1.36
CA ASP D 123 -15.66 -11.63 -0.70
C ASP D 123 -16.74 -10.57 -0.84
N PHE D 124 -16.37 -9.30 -0.65
CA PHE D 124 -17.33 -8.21 -0.80
C PHE D 124 -17.87 -8.17 -2.22
N LEU D 125 -16.97 -8.33 -3.19
CA LEU D 125 -17.34 -8.25 -4.60
C LEU D 125 -18.33 -9.36 -4.97
N LEU D 126 -18.06 -10.58 -4.52
CA LEU D 126 -18.93 -11.69 -4.87
C LEU D 126 -20.26 -11.61 -4.12
N GLN D 127 -20.24 -11.08 -2.89
CA GLN D 127 -21.44 -11.08 -2.07
C GLN D 127 -22.52 -10.15 -2.65
N THR D 128 -22.12 -8.97 -3.13
CA THR D 128 -23.08 -7.95 -3.54
C THR D 128 -23.57 -8.25 -4.95
N ARG D 129 -24.88 -8.08 -5.16
CA ARG D 129 -25.44 -8.16 -6.51
C ARG D 129 -25.68 -6.77 -7.06
N ALA D 130 -25.11 -6.50 -8.23
CA ALA D 130 -25.21 -5.16 -8.82
C ALA D 130 -26.62 -4.94 -9.37
N VAL D 131 -27.24 -3.81 -8.99
CA VAL D 131 -28.59 -3.45 -9.50
C VAL D 131 -28.53 -2.04 -10.08
N SER D 132 -29.49 -1.65 -10.92
CA SER D 132 -29.41 -0.33 -11.59
C SER D 132 -30.57 0.58 -11.18
N LYS D 133 -30.58 1.83 -11.64
CA LYS D 133 -31.63 2.79 -11.21
C LYS D 133 -32.07 3.68 -12.38
N GLN D 134 -31.68 3.34 -13.62
CA GLN D 134 -31.98 4.25 -14.76
C GLN D 134 -33.48 4.44 -14.91
N TYR D 135 -33.97 5.65 -14.57
CA TYR D 135 -35.43 5.90 -14.61
C TYR D 135 -36.02 5.71 -16.01
N PRO D 136 -35.38 6.06 -17.14
CA PRO D 136 -35.93 5.78 -18.46
C PRO D 136 -36.45 4.34 -18.55
N LEU D 137 -35.70 3.38 -18.03
CA LEU D 137 -36.12 1.96 -18.15
C LEU D 137 -36.89 1.53 -16.89
N ALA D 138 -37.98 2.22 -16.54
CA ALA D 138 -38.76 1.73 -15.41
C ALA D 138 -39.91 0.86 -15.90
N PRO D 139 -40.28 -0.19 -15.18
CA PRO D 139 -41.36 -1.07 -15.64
C PRO D 139 -42.73 -0.42 -15.46
N TYR D 140 -43.38 -0.12 -16.58
CA TYR D 140 -44.78 0.27 -16.56
C TYR D 140 -45.66 -0.96 -16.35
N GLU D 141 -46.69 -0.80 -15.52
CA GLU D 141 -47.61 -1.88 -15.21
C GLU D 141 -48.97 -1.60 -15.83
N ILE D 142 -49.49 -2.58 -16.56
CA ILE D 142 -50.77 -2.45 -17.24
C ILE D 142 -51.63 -3.67 -16.95
N ILE D 143 -52.95 -3.51 -16.80
CA ILE D 143 -53.87 -4.65 -16.46
C ILE D 143 -54.72 -5.07 -17.68
N VAL D 144 -54.81 -6.38 -17.98
CA VAL D 144 -55.55 -6.91 -19.19
C VAL D 144 -56.93 -7.46 -18.79
N SER D 145 -57.86 -6.61 -18.38
CA SER D 145 -59.23 -6.97 -17.94
C SER D 145 -60.11 -7.05 -19.19
N GLU D 146 -59.87 -6.18 -20.17
CA GLU D 146 -60.77 -6.12 -21.36
C GLU D 146 -60.64 -7.38 -22.21
N ASP D 147 -61.71 -7.76 -22.91
CA ASP D 147 -61.70 -8.98 -23.75
C ASP D 147 -60.72 -8.81 -24.91
N SER D 148 -59.89 -9.82 -25.18
CA SER D 148 -58.97 -9.78 -26.35
C SER D 148 -58.81 -11.19 -26.93
N GLU D 149 -58.67 -11.30 -28.26
CA GLU D 149 -58.38 -12.62 -28.85
C GLU D 149 -56.97 -12.98 -28.40
N HIS D 150 -56.20 -11.98 -28.01
CA HIS D 150 -54.84 -12.19 -27.57
C HIS D 150 -54.74 -12.79 -26.17
N LEU D 151 -55.87 -13.00 -25.48
CA LEU D 151 -55.87 -13.64 -24.18
C LEU D 151 -55.94 -15.15 -24.32
N GLY D 152 -55.41 -15.84 -23.30
CA GLY D 152 -55.36 -17.31 -23.34
C GLY D 152 -54.25 -17.76 -24.27
N LYS D 153 -53.22 -16.92 -24.45
CA LYS D 153 -52.16 -17.26 -25.44
C LYS D 153 -50.78 -17.06 -24.81
N SER D 154 -49.78 -17.77 -25.34
CA SER D 154 -48.39 -17.68 -24.80
C SER D 154 -47.67 -16.48 -25.41
N ILE D 155 -46.71 -15.91 -24.70
CA ILE D 155 -45.95 -14.73 -25.22
C ILE D 155 -45.33 -15.11 -26.57
N GLY D 156 -44.74 -16.29 -26.64
CA GLY D 156 -44.15 -16.75 -27.92
C GLY D 156 -45.23 -16.88 -28.98
N GLU D 157 -46.39 -17.39 -28.59
CA GLU D 157 -47.50 -17.58 -29.56
C GLU D 157 -47.91 -16.21 -30.11
N LEU D 158 -47.98 -15.20 -29.25
CA LEU D 158 -48.45 -13.86 -29.71
C LEU D 158 -47.32 -13.19 -30.48
N ASN D 159 -46.07 -13.58 -30.17
CA ASN D 159 -44.89 -12.93 -30.76
C ASN D 159 -44.89 -11.45 -30.39
N VAL D 160 -44.96 -11.20 -29.09
CA VAL D 160 -45.13 -9.82 -28.55
C VAL D 160 -44.30 -8.74 -29.21
N TRP D 161 -42.96 -8.83 -29.24
CA TRP D 161 -42.15 -7.67 -29.72
C TRP D 161 -42.45 -7.28 -31.15
N HIS D 162 -42.50 -8.22 -32.08
CA HIS D 162 -42.69 -7.79 -33.50
C HIS D 162 -44.05 -7.09 -33.58
N GLN D 163 -45.04 -7.64 -32.88
CA GLN D 163 -46.41 -7.05 -32.88
C GLN D 163 -46.50 -5.66 -32.24
N THR D 164 -45.81 -5.40 -31.11
CA THR D 164 -46.07 -4.09 -30.41
C THR D 164 -44.81 -3.32 -30.04
N GLY D 165 -43.65 -3.97 -30.15
CA GLY D 165 -42.41 -3.35 -29.74
C GLY D 165 -42.10 -3.45 -28.27
N ALA D 166 -42.94 -4.12 -27.48
CA ALA D 166 -42.76 -4.21 -26.05
C ALA D 166 -41.91 -5.41 -25.65
N THR D 167 -41.08 -5.23 -24.61
CA THR D 167 -40.41 -6.33 -23.94
C THR D 167 -41.05 -6.52 -22.58
N ILE D 168 -41.70 -7.66 -22.43
CA ILE D 168 -42.40 -8.02 -21.16
C ILE D 168 -41.36 -8.38 -20.11
N VAL D 169 -41.41 -7.70 -18.96
CA VAL D 169 -40.43 -7.96 -17.87
C VAL D 169 -41.07 -8.85 -16.80
N ALA D 170 -42.40 -8.76 -16.61
CA ALA D 170 -43.02 -9.54 -15.52
C ALA D 170 -44.54 -9.69 -15.71
N ILE D 171 -45.11 -10.77 -15.16
CA ILE D 171 -46.58 -11.01 -15.23
C ILE D 171 -47.10 -11.17 -13.79
N GLU D 172 -48.17 -10.45 -13.43
CA GLU D 172 -48.77 -10.59 -12.08
C GLU D 172 -50.11 -11.31 -12.19
N HIS D 173 -50.13 -12.61 -11.91
CA HIS D 173 -51.38 -13.40 -11.94
C HIS D 173 -51.72 -13.83 -10.51
N GLU D 174 -52.85 -13.38 -9.98
CA GLU D 174 -53.22 -13.68 -8.56
C GLU D 174 -52.04 -13.31 -7.66
N GLY D 175 -51.37 -12.20 -7.95
CA GLY D 175 -50.27 -11.73 -7.07
C GLY D 175 -49.03 -12.61 -7.15
N LYS D 176 -49.02 -13.59 -8.06
CA LYS D 176 -47.82 -14.45 -8.24
C LYS D 176 -46.85 -13.76 -9.21
N PHE D 177 -46.09 -12.79 -8.71
CA PHE D 177 -45.12 -12.04 -9.56
C PHE D 177 -44.11 -13.02 -10.16
N ILE D 178 -43.98 -13.02 -11.50
CA ILE D 178 -42.95 -13.87 -12.15
C ILE D 178 -42.14 -12.99 -13.11
N VAL D 179 -40.81 -12.94 -12.93
CA VAL D 179 -39.93 -12.07 -13.79
C VAL D 179 -39.39 -12.88 -14.97
N SER D 180 -38.87 -12.18 -15.99
CA SER D 180 -38.32 -12.85 -17.21
C SER D 180 -39.25 -14.00 -17.57
N PRO D 181 -40.45 -13.74 -18.13
CA PRO D 181 -41.44 -14.83 -18.25
C PRO D 181 -41.17 -15.83 -19.36
N GLY D 182 -40.47 -15.44 -20.43
CA GLY D 182 -40.24 -16.35 -21.53
C GLY D 182 -41.45 -16.53 -22.43
N PRO D 183 -41.27 -17.32 -23.50
CA PRO D 183 -42.30 -17.44 -24.54
C PRO D 183 -43.46 -18.34 -24.16
N PHE D 184 -43.30 -19.11 -23.08
CA PHE D 184 -44.33 -20.11 -22.72
C PHE D 184 -45.39 -19.52 -21.81
N SER D 185 -45.01 -18.62 -20.91
CA SER D 185 -46.00 -18.12 -19.92
C SER D 185 -47.22 -17.55 -20.65
N VAL D 186 -48.42 -17.89 -20.16
CA VAL D 186 -49.67 -17.45 -20.83
C VAL D 186 -50.30 -16.34 -19.98
N ILE D 187 -50.64 -15.22 -20.63
CA ILE D 187 -51.23 -14.07 -19.89
C ILE D 187 -52.74 -14.25 -19.80
N GLU D 188 -53.25 -14.56 -18.60
CA GLU D 188 -54.70 -14.75 -18.39
C GLU D 188 -55.38 -13.38 -18.33
N GLN D 189 -56.71 -13.36 -18.46
CA GLN D 189 -57.47 -12.07 -18.38
C GLN D 189 -57.35 -11.50 -16.96
N GLY D 190 -57.21 -10.18 -16.83
CA GLY D 190 -57.15 -9.53 -15.51
C GLY D 190 -55.76 -9.57 -14.89
N ASP D 191 -54.78 -10.11 -15.61
CA ASP D 191 -53.39 -10.12 -15.11
C ASP D 191 -52.76 -8.75 -15.31
N HIS D 192 -51.66 -8.47 -14.61
CA HIS D 192 -50.94 -7.18 -14.82
C HIS D 192 -49.66 -7.46 -15.63
N ILE D 193 -49.57 -6.89 -16.83
CA ILE D 193 -48.37 -7.09 -17.69
C ILE D 193 -47.43 -5.92 -17.44
N PHE D 194 -46.18 -6.21 -17.07
CA PHE D 194 -45.18 -5.13 -16.79
C PHE D 194 -44.20 -5.16 -17.96
N PHE D 195 -43.90 -4.01 -18.57
CA PHE D 195 -43.05 -4.07 -19.79
C PHE D 195 -42.22 -2.80 -19.99
N VAL D 196 -41.25 -2.87 -20.90
CA VAL D 196 -40.45 -1.70 -21.23
C VAL D 196 -40.64 -1.32 -22.69
N GLY D 197 -40.30 -0.06 -22.95
CA GLY D 197 -40.45 0.54 -24.29
C GLY D 197 -40.62 2.04 -24.13
N ASP D 198 -41.04 2.77 -25.15
CA ASP D 198 -41.21 4.22 -24.91
C ASP D 198 -42.70 4.51 -24.74
N GLU D 199 -43.08 5.79 -24.83
CA GLU D 199 -44.51 6.11 -24.77
C GLU D 199 -45.18 5.44 -25.97
N ASP D 200 -44.50 5.47 -27.11
CA ASP D 200 -45.10 4.88 -28.34
C ASP D 200 -45.32 3.40 -28.07
N VAL D 201 -44.34 2.73 -27.46
CA VAL D 201 -44.46 1.27 -27.19
C VAL D 201 -45.61 1.03 -26.21
N TYR D 202 -45.75 1.90 -25.20
CA TYR D 202 -46.82 1.77 -24.19
C TYR D 202 -48.18 1.88 -24.89
N ALA D 203 -48.29 2.79 -25.85
CA ALA D 203 -49.54 3.00 -26.61
C ALA D 203 -49.83 1.77 -27.47
N ARG D 204 -48.79 1.22 -28.11
CA ARG D 204 -48.97 0.04 -28.97
C ARG D 204 -49.46 -1.14 -28.11
N MET D 205 -48.91 -1.26 -26.90
CA MET D 205 -49.33 -2.34 -25.98
C MET D 205 -50.79 -2.17 -25.59
N LYS D 206 -51.20 -0.91 -25.41
CA LYS D 206 -52.63 -0.63 -25.13
C LYS D 206 -53.42 -0.84 -26.43
N THR D 207 -52.77 -0.68 -27.59
CA THR D 207 -53.45 -0.92 -28.89
C THR D 207 -53.72 -2.43 -29.02
N TYR D 208 -52.70 -3.25 -28.76
CA TYR D 208 -52.85 -4.72 -28.89
C TYR D 208 -53.91 -5.19 -27.92
N PHE D 209 -53.92 -4.64 -26.70
CA PHE D 209 -54.87 -5.13 -25.67
C PHE D 209 -56.12 -4.25 -25.59
N ASN D 210 -56.20 -3.19 -26.41
CA ASN D 210 -57.40 -2.32 -26.46
C ASN D 210 -57.74 -1.81 -25.06
N LEU D 211 -56.73 -1.36 -24.32
CA LEU D 211 -56.99 -0.80 -22.96
C LEU D 211 -56.97 0.73 -23.03
N ARG D 212 -56.66 1.28 -24.21
CA ARG D 212 -56.64 2.76 -24.39
C ARG D 212 -58.08 3.26 -24.63
#